data_3O93
#
_entry.id   3O93
#
_cell.length_a   61.178
_cell.length_b   121.167
_cell.length_c   63.201
_cell.angle_alpha   90.00
_cell.angle_beta   114.55
_cell.angle_gamma   90.00
#
_symmetry.space_group_name_H-M   'P 1 21 1'
#
loop_
_entity.id
_entity.type
_entity.pdbx_description
1 polymer nicotinamidase
2 non-polymer 'ZINC ION'
3 water water
#
_entity_poly.entity_id   1
_entity_poly.type   'polypeptide(L)'
_entity_poly.pdbx_seq_one_letter_code
;MGSSHHHHHHSSGLVPRGSHMTKALISIDYTEDFVADSGKLTAGAPAQAISDAISKVTRLAFERGDYIFFTIDAHEENDC
FHPESKLFPPHNLIGTSGRNLYGDLGIFYQEHGSDSRVFWMDKRHYSAFSGTDLDIRLRERRVSTVILTGVLTDI(JJJ)
VLHTAIDAYNLGYDIEIVKPAVASIWPENHQFALGHFKNTLGAKLVDENLNELFE
;
_entity_poly.pdbx_strand_id   A,B,C,D
#
loop_
_chem_comp.id
_chem_comp.type
_chem_comp.name
_chem_comp.formula
ZN non-polymer 'ZINC ION' 'Zn 2'
#
# COMPACT_ATOMS: atom_id res chain seq x y z
N MET A 21 22.95 -1.33 -9.39
CA MET A 21 23.61 -2.62 -9.03
C MET A 21 23.31 -2.99 -7.58
N THR A 22 22.49 -2.15 -6.93
CA THR A 22 22.11 -2.32 -5.53
C THR A 22 21.06 -3.42 -5.41
N LYS A 23 21.45 -4.52 -4.76
CA LYS A 23 20.58 -5.69 -4.63
C LYS A 23 20.36 -6.08 -3.17
N ALA A 24 19.22 -6.71 -2.91
CA ALA A 24 18.91 -7.22 -1.58
C ALA A 24 18.54 -8.70 -1.65
N LEU A 25 19.13 -9.52 -0.78
CA LEU A 25 18.72 -10.90 -0.66
C LEU A 25 17.74 -11.05 0.50
N ILE A 26 16.61 -11.69 0.23
CA ILE A 26 15.58 -11.91 1.23
C ILE A 26 15.60 -13.38 1.63
N SER A 27 15.78 -13.63 2.92
CA SER A 27 15.83 -14.99 3.45
C SER A 27 14.53 -15.29 4.17
N ILE A 28 13.71 -16.15 3.57
CA ILE A 28 12.32 -16.32 4.01
C ILE A 28 12.08 -17.60 4.81
N ASP A 29 11.80 -17.41 6.10
CA ASP A 29 11.29 -18.47 7.00
C ASP A 29 12.12 -19.75 7.11
N TYR A 30 13.44 -19.65 6.95
CA TYR A 30 14.29 -20.83 7.05
C TYR A 30 14.65 -21.12 8.51
N THR A 31 13.63 -21.51 9.27
CA THR A 31 13.74 -21.68 10.72
C THR A 31 13.50 -23.14 11.11
N GLU A 32 13.84 -23.49 12.35
CA GLU A 32 13.69 -24.86 12.86
C GLU A 32 12.28 -25.40 12.66
N ASP A 33 11.26 -24.58 12.91
CA ASP A 33 9.86 -25.00 12.75
C ASP A 33 9.44 -25.35 11.32
N PHE A 34 10.13 -24.79 10.33
CA PHE A 34 9.83 -25.07 8.92
C PHE A 34 10.75 -26.12 8.30
N VAL A 35 11.90 -26.37 8.94
CA VAL A 35 12.96 -27.18 8.33
C VAL A 35 13.31 -28.45 9.13
N ALA A 36 13.57 -28.30 10.43
CA ALA A 36 14.00 -29.41 11.28
C ALA A 36 12.96 -30.53 11.36
N ASP A 37 13.41 -31.75 11.65
CA ASP A 37 12.50 -32.91 11.74
C ASP A 37 11.43 -32.75 12.81
N SER A 38 11.81 -32.15 13.95
CA SER A 38 10.88 -31.90 15.05
C SER A 38 10.09 -30.58 14.90
N GLY A 39 10.23 -29.94 13.75
CA GLY A 39 9.56 -28.66 13.48
C GLY A 39 8.04 -28.75 13.41
N LYS A 40 7.37 -27.75 13.99
CA LYS A 40 5.92 -27.73 14.12
C LYS A 40 5.15 -27.67 12.79
N LEU A 41 5.76 -27.02 11.79
CA LEU A 41 5.17 -26.96 10.45
C LEU A 41 6.24 -27.33 9.43
N THR A 42 6.97 -28.40 9.75
CA THR A 42 8.18 -28.74 9.00
C THR A 42 7.90 -29.21 7.57
N ALA A 43 8.72 -28.70 6.65
CA ALA A 43 8.68 -29.13 5.26
C ALA A 43 9.50 -30.40 5.08
N GLY A 44 10.28 -30.73 6.12
CA GLY A 44 11.05 -31.98 6.15
C GLY A 44 12.22 -32.02 5.20
N ALA A 45 12.39 -33.17 4.56
CA ALA A 45 13.56 -33.46 3.71
C ALA A 45 13.86 -32.42 2.61
N PRO A 46 12.87 -32.05 1.77
CA PRO A 46 13.19 -31.08 0.71
C PRO A 46 13.75 -29.76 1.25
N ALA A 47 13.24 -29.32 2.40
CA ALA A 47 13.71 -28.09 3.04
C ALA A 47 15.13 -28.26 3.59
N GLN A 48 15.38 -29.39 4.23
CA GLN A 48 16.70 -29.72 4.76
C GLN A 48 17.72 -29.84 3.63
N ALA A 49 17.28 -30.35 2.48
CA ALA A 49 18.14 -30.55 1.31
C ALA A 49 18.78 -29.27 0.76
N ILE A 50 18.16 -28.11 1.04
CA ILE A 50 18.67 -26.84 0.52
C ILE A 50 19.57 -26.08 1.51
N SER A 51 19.85 -26.68 2.66
CA SER A 51 20.64 -26.04 3.72
C SER A 51 21.99 -25.50 3.26
N ASP A 52 22.73 -26.31 2.50
CA ASP A 52 24.05 -25.91 2.01
C ASP A 52 23.96 -24.78 0.98
N ALA A 53 23.01 -24.88 0.07
CA ALA A 53 22.84 -23.88 -0.99
C ALA A 53 22.38 -22.53 -0.45
N ILE A 54 21.44 -22.55 0.50
CA ILE A 54 20.90 -21.31 1.07
C ILE A 54 21.94 -20.56 1.90
N SER A 55 22.75 -21.28 2.68
CA SER A 55 23.83 -20.68 3.45
C SER A 55 24.93 -20.14 2.55
N LYS A 56 25.30 -20.89 1.52
CA LYS A 56 26.35 -20.49 0.59
C LYS A 56 25.98 -19.22 -0.18
N VAL A 57 24.77 -19.18 -0.73
CA VAL A 57 24.31 -18.04 -1.53
C VAL A 57 24.16 -16.76 -0.69
N THR A 58 23.71 -16.93 0.55
CA THR A 58 23.54 -15.79 1.45
C THR A 58 24.89 -15.19 1.85
N ARG A 59 25.85 -16.05 2.17
CA ARG A 59 27.22 -15.62 2.44
C ARG A 59 27.85 -14.94 1.22
N LEU A 60 27.54 -15.46 0.02
CA LEU A 60 28.03 -14.88 -1.22
C LEU A 60 27.42 -13.49 -1.48
N ALA A 61 26.11 -13.39 -1.34
CA ALA A 61 25.42 -12.11 -1.48
C ALA A 61 26.02 -11.08 -0.54
N PHE A 62 26.21 -11.47 0.73
CA PHE A 62 26.81 -10.58 1.72
C PHE A 62 28.22 -10.14 1.31
N GLU A 63 29.00 -11.09 0.77
CA GLU A 63 30.37 -10.83 0.32
C GLU A 63 30.39 -9.82 -0.83
N ARG A 64 29.35 -9.86 -1.66
CA ARG A 64 29.20 -8.95 -2.80
C ARG A 64 28.65 -7.57 -2.43
N GLY A 65 28.45 -7.33 -1.14
CA GLY A 65 27.94 -6.05 -0.66
C GLY A 65 26.44 -5.89 -0.70
N ASP A 66 25.71 -6.98 -0.90
CA ASP A 66 24.24 -6.95 -0.91
C ASP A 66 23.67 -6.75 0.49
N TYR A 67 22.46 -6.22 0.57
CA TYR A 67 21.71 -6.18 1.82
C TYR A 67 21.04 -7.54 2.03
N ILE A 68 20.97 -7.95 3.29
CA ILE A 68 20.37 -9.24 3.65
C ILE A 68 19.20 -9.01 4.60
N PHE A 69 18.03 -9.49 4.21
CA PHE A 69 16.83 -9.36 5.03
C PHE A 69 16.30 -10.73 5.44
N PHE A 70 16.40 -11.06 6.74
CA PHE A 70 15.73 -12.22 7.28
C PHE A 70 14.30 -11.84 7.64
N THR A 71 13.35 -12.38 6.90
CA THR A 71 11.94 -12.09 7.09
C THR A 71 11.25 -13.34 7.62
N ILE A 72 10.95 -13.32 8.91
CA ILE A 72 10.60 -14.54 9.65
C ILE A 72 9.22 -14.44 10.31
N ASP A 73 8.39 -15.46 10.10
CA ASP A 73 7.11 -15.59 10.79
C ASP A 73 7.26 -15.35 12.29
N ALA A 74 6.44 -14.45 12.82
CA ALA A 74 6.39 -14.18 14.25
C ALA A 74 4.93 -14.32 14.71
N HIS A 75 4.56 -15.55 15.06
CA HIS A 75 3.19 -15.84 15.45
C HIS A 75 3.01 -15.83 16.97
N GLU A 76 1.76 -15.68 17.41
CA GLU A 76 1.42 -15.74 18.82
C GLU A 76 0.39 -16.84 19.04
N GLU A 77 0.40 -17.42 20.24
CA GLU A 77 -0.60 -18.40 20.65
C GLU A 77 -1.95 -17.72 20.84
N ASN A 78 -3.02 -18.41 20.46
CA ASN A 78 -4.40 -17.92 20.60
C ASN A 78 -4.64 -16.54 19.97
N ASP A 79 -4.15 -16.39 18.74
CA ASP A 79 -4.42 -15.19 17.95
C ASP A 79 -5.64 -15.47 17.09
N CYS A 80 -6.81 -15.40 17.73
CA CYS A 80 -8.10 -15.72 17.10
C CYS A 80 -8.48 -14.76 15.98
N PHE A 81 -7.82 -13.60 15.94
CA PHE A 81 -8.07 -12.60 14.90
C PHE A 81 -7.26 -12.84 13.62
N HIS A 82 -6.30 -13.75 13.67
CA HIS A 82 -5.50 -14.11 12.50
C HIS A 82 -6.15 -15.27 11.75
N PRO A 83 -6.53 -15.04 10.47
CA PRO A 83 -7.11 -16.11 9.64
C PRO A 83 -6.19 -17.31 9.42
N GLU A 84 -4.87 -17.11 9.53
CA GLU A 84 -3.90 -18.19 9.34
C GLU A 84 -3.97 -19.25 10.46
N SER A 85 -4.41 -18.84 11.65
CA SER A 85 -4.45 -19.73 12.82
C SER A 85 -5.41 -20.91 12.66
N LYS A 86 -6.41 -20.76 11.79
CA LYS A 86 -7.37 -21.83 11.50
C LYS A 86 -6.88 -22.75 10.37
N LEU A 87 -5.81 -22.33 9.69
CA LEU A 87 -5.31 -23.01 8.50
C LEU A 87 -4.14 -23.93 8.79
N PHE A 88 -3.34 -23.56 9.78
CA PHE A 88 -2.14 -24.30 10.15
C PHE A 88 -2.04 -24.44 11.66
N PRO A 89 -1.35 -25.50 12.14
CA PRO A 89 -1.03 -25.62 13.57
C PRO A 89 -0.07 -24.52 14.01
N PRO A 90 -0.05 -24.21 15.33
CA PRO A 90 0.88 -23.22 15.87
C PRO A 90 2.32 -23.45 15.40
N HIS A 91 2.98 -22.38 14.93
CA HIS A 91 4.35 -22.47 14.42
C HIS A 91 5.06 -21.12 14.53
N ASN A 92 6.39 -21.17 14.64
CA ASN A 92 7.23 -19.96 14.76
C ASN A 92 6.73 -18.99 15.83
N LEU A 93 6.44 -19.51 17.02
CA LEU A 93 5.88 -18.68 18.09
C LEU A 93 6.92 -17.76 18.68
N ILE A 94 6.52 -16.52 18.95
CA ILE A 94 7.42 -15.52 19.51
C ILE A 94 8.07 -16.03 20.79
N GLY A 95 9.40 -15.98 20.82
CA GLY A 95 10.17 -16.40 21.99
C GLY A 95 10.41 -17.89 22.09
N THR A 96 10.15 -18.62 21.00
CA THR A 96 10.41 -20.06 20.97
C THR A 96 11.60 -20.40 20.08
N SER A 97 12.19 -21.57 20.31
CA SER A 97 13.32 -22.07 19.51
C SER A 97 12.90 -22.34 18.06
N GLY A 98 11.60 -22.48 17.83
CA GLY A 98 11.05 -22.70 16.49
C GLY A 98 11.39 -21.59 15.50
N ARG A 99 11.64 -20.39 16.03
CA ARG A 99 12.02 -19.23 15.21
C ARG A 99 13.52 -19.15 14.92
N ASN A 100 14.32 -20.03 15.51
CA ASN A 100 15.77 -20.06 15.26
C ASN A 100 16.06 -20.44 13.82
N LEU A 101 16.98 -19.72 13.18
CA LEU A 101 17.38 -20.04 11.81
C LEU A 101 18.09 -21.40 11.75
N TYR A 102 17.73 -22.20 10.75
CA TYR A 102 18.28 -23.54 10.59
C TYR A 102 19.65 -23.53 9.91
N GLY A 103 20.57 -24.32 10.46
CA GLY A 103 21.84 -24.63 9.80
C GLY A 103 22.90 -23.55 9.88
N ASP A 104 23.75 -23.51 8.86
CA ASP A 104 24.84 -22.54 8.78
C ASP A 104 24.31 -21.11 8.59
N LEU A 105 23.09 -21.01 8.09
CA LEU A 105 22.39 -19.72 7.96
C LEU A 105 22.23 -19.06 9.32
N GLY A 106 21.98 -19.90 10.34
CA GLY A 106 21.93 -19.45 11.73
C GLY A 106 23.28 -18.97 12.23
N ILE A 107 24.34 -19.66 11.82
CA ILE A 107 25.71 -19.26 12.14
C ILE A 107 26.04 -17.93 11.46
N PHE A 108 25.60 -17.76 10.22
CA PHE A 108 25.78 -16.50 9.51
C PHE A 108 25.17 -15.33 10.26
N TYR A 109 23.94 -15.51 10.76
CA TYR A 109 23.27 -14.44 11.48
C TYR A 109 23.97 -14.06 12.78
N GLN A 110 24.42 -15.06 13.54
CA GLN A 110 25.13 -14.79 14.79
CA GLN A 110 25.18 -14.85 14.79
C GLN A 110 26.43 -14.02 14.53
N GLU A 111 27.05 -14.25 13.37
CA GLU A 111 28.30 -13.58 12.98
C GLU A 111 28.10 -12.16 12.45
N HIS A 112 27.07 -11.97 11.63
CA HIS A 112 26.91 -10.73 10.86
C HIS A 112 25.60 -9.96 11.12
N GLY A 113 24.80 -10.43 12.07
CA GLY A 113 23.52 -9.78 12.40
C GLY A 113 23.63 -8.35 12.88
N SER A 114 24.81 -7.96 13.38
CA SER A 114 25.04 -6.62 13.88
CA SER A 114 25.07 -6.62 13.88
C SER A 114 25.54 -5.67 12.78
N ASP A 115 25.85 -6.23 11.61
CA ASP A 115 26.28 -5.43 10.46
C ASP A 115 25.11 -4.56 9.96
N SER A 116 25.43 -3.34 9.55
CA SER A 116 24.40 -2.39 9.13
C SER A 116 23.63 -2.82 7.86
N ARG A 117 24.12 -3.87 7.22
CA ARG A 117 23.51 -4.38 5.98
C ARG A 117 22.64 -5.64 6.17
N VAL A 118 22.58 -6.15 7.40
CA VAL A 118 21.79 -7.35 7.71
C VAL A 118 20.61 -6.97 8.62
N PHE A 119 19.43 -7.50 8.31
CA PHE A 119 18.21 -7.15 9.03
C PHE A 119 17.41 -8.38 9.46
N TRP A 120 16.82 -8.29 10.64
CA TRP A 120 15.83 -9.27 11.08
C TRP A 120 14.46 -8.61 11.07
N MET A 121 13.49 -9.27 10.43
CA MET A 121 12.18 -8.68 10.22
C MET A 121 11.07 -9.69 10.55
N ASP A 122 10.27 -9.36 11.55
CA ASP A 122 9.10 -10.16 11.90
C ASP A 122 7.98 -9.91 10.90
N LYS A 123 7.30 -10.98 10.49
CA LYS A 123 6.12 -10.85 9.64
C LYS A 123 5.00 -11.73 10.17
N ARG A 124 3.76 -11.39 9.83
CA ARG A 124 2.60 -12.17 10.26
C ARG A 124 1.82 -12.77 9.09
N HIS A 125 1.98 -12.21 7.90
CA HIS A 125 1.42 -12.83 6.70
C HIS A 125 2.52 -13.63 5.98
N TYR A 126 2.15 -14.31 4.91
CA TYR A 126 3.10 -15.12 4.15
C TYR A 126 4.16 -14.25 3.47
N SER A 127 3.69 -13.20 2.78
CA SER A 127 4.57 -12.25 2.11
C SER A 127 5.44 -11.45 3.07
N ALA A 128 6.70 -11.27 2.71
CA ALA A 128 7.65 -10.51 3.52
C ALA A 128 7.34 -9.00 3.52
N PHE A 129 6.49 -8.56 2.60
CA PHE A 129 6.13 -7.15 2.46
C PHE A 129 4.91 -6.74 3.27
N SER A 130 4.03 -7.70 3.55
CA SER A 130 2.72 -7.41 4.14
C SER A 130 2.82 -7.01 5.61
N GLY A 131 2.52 -5.73 5.88
CA GLY A 131 2.54 -5.20 7.25
C GLY A 131 3.92 -4.99 7.83
N THR A 132 4.93 -5.01 6.95
CA THR A 132 6.31 -4.78 7.37
C THR A 132 6.82 -3.49 6.71
N ASP A 133 8.07 -3.14 6.98
CA ASP A 133 8.66 -1.97 6.34
C ASP A 133 9.75 -2.34 5.33
N LEU A 134 9.65 -3.56 4.77
CA LEU A 134 10.61 -4.03 3.78
C LEU A 134 10.71 -3.09 2.58
N ASP A 135 9.57 -2.74 1.98
CA ASP A 135 9.55 -1.82 0.85
C ASP A 135 10.24 -0.50 1.20
N ILE A 136 9.90 0.06 2.36
CA ILE A 136 10.53 1.30 2.84
C ILE A 136 12.05 1.16 2.95
N ARG A 137 12.52 0.08 3.57
CA ARG A 137 13.95 -0.15 3.75
C ARG A 137 14.68 -0.30 2.41
N LEU A 138 14.06 -0.98 1.46
CA LEU A 138 14.66 -1.17 0.13
C LEU A 138 14.71 0.15 -0.66
N ARG A 139 13.64 0.93 -0.57
CA ARG A 139 13.56 2.21 -1.26
CA ARG A 139 13.54 2.21 -1.25
C ARG A 139 14.55 3.22 -0.69
N GLU A 140 14.77 3.18 0.63
CA GLU A 140 15.77 4.04 1.28
C GLU A 140 17.13 3.84 0.63
N ARG A 141 17.39 2.58 0.26
CA ARG A 141 18.68 2.15 -0.28
C ARG A 141 18.72 2.14 -1.80
N ARG A 142 17.62 2.55 -2.43
CA ARG A 142 17.45 2.54 -3.89
C ARG A 142 17.75 1.17 -4.52
N VAL A 143 17.33 0.11 -3.83
CA VAL A 143 17.44 -1.27 -4.32
C VAL A 143 16.42 -1.46 -5.45
N SER A 144 16.86 -2.01 -6.57
CA SER A 144 15.94 -2.31 -7.67
C SER A 144 15.73 -3.80 -7.90
N THR A 145 16.58 -4.64 -7.30
CA THR A 145 16.48 -6.10 -7.45
C THR A 145 16.47 -6.82 -6.10
N VAL A 146 15.49 -7.71 -5.93
CA VAL A 146 15.46 -8.60 -4.78
C VAL A 146 15.81 -10.03 -5.20
N ILE A 147 16.58 -10.70 -4.34
CA ILE A 147 16.97 -12.10 -4.56
C ILE A 147 16.28 -12.96 -3.51
N LEU A 148 15.43 -13.87 -3.95
CA LEU A 148 14.59 -14.62 -3.01
C LEU A 148 15.12 -16.01 -2.67
N THR A 149 15.17 -16.31 -1.38
CA THR A 149 15.55 -17.64 -0.88
C THR A 149 14.59 -18.06 0.23
N GLY A 150 14.46 -19.37 0.44
CA GLY A 150 13.74 -19.88 1.60
C GLY A 150 12.56 -20.78 1.32
N VAL A 151 11.62 -20.82 2.27
CA VAL A 151 10.48 -21.73 2.24
C VAL A 151 9.17 -20.99 2.60
N LEU A 152 8.02 -21.46 2.12
CA LEU A 152 7.91 -22.52 1.11
C LEU A 152 7.85 -21.83 -0.25
N THR A 153 8.30 -22.54 -1.30
CA THR A 153 8.33 -21.96 -2.65
C THR A 153 6.97 -21.44 -3.11
N ASP A 154 5.91 -22.18 -2.79
CA ASP A 154 4.57 -21.90 -3.29
C ASP A 154 3.68 -21.13 -2.31
N ILE A 155 4.23 -20.75 -1.16
CA ILE A 155 3.46 -19.98 -0.17
C ILE A 155 4.20 -18.69 0.19
C JJJ A 156 6.82 -16.79 0.52
N JJJ A 156 5.17 -18.49 1.08
O JJJ A 156 6.90 -15.59 0.34
N1 JJJ A 156 3.29 -19.75 7.59
C2 JJJ A 156 4.17 -19.31 6.68
C3 JJJ A 156 4.35 -19.99 5.47
C4 JJJ A 156 3.60 -21.14 5.20
C5 JJJ A 156 2.69 -21.57 6.16
C6 JJJ A 156 2.54 -20.85 7.35
C7 JJJ A 156 5.34 -19.49 4.46
O7 JJJ A 156 6.06 -20.27 3.84
CA JJJ A 156 5.84 -17.27 1.56
CB JJJ A 156 6.59 -17.55 2.86
SG JJJ A 156 5.43 -17.84 4.16
N VAL A 157 7.48 -17.69 -0.20
CA VAL A 157 8.31 -17.25 -1.36
C VAL A 157 7.46 -16.71 -2.50
N LEU A 158 6.40 -17.45 -2.85
CA LEU A 158 5.47 -17.02 -3.92
C LEU A 158 4.78 -15.69 -3.59
N HIS A 159 4.31 -15.55 -2.35
CA HIS A 159 3.62 -14.32 -1.93
C HIS A 159 4.55 -13.10 -1.94
N THR A 160 5.78 -13.30 -1.48
CA THR A 160 6.80 -12.26 -1.47
C THR A 160 7.17 -11.84 -2.90
N ALA A 161 7.28 -12.83 -3.79
CA ALA A 161 7.60 -12.59 -5.20
C ALA A 161 6.52 -11.77 -5.91
N ILE A 162 5.26 -12.11 -5.67
CA ILE A 162 4.14 -11.39 -6.28
C ILE A 162 4.08 -9.94 -5.78
N ASP A 163 4.28 -9.73 -4.48
CA ASP A 163 4.32 -8.39 -3.91
C ASP A 163 5.48 -7.59 -4.48
N ALA A 164 6.64 -8.25 -4.61
CA ALA A 164 7.83 -7.62 -5.20
C ALA A 164 7.56 -7.17 -6.63
N TYR A 165 6.91 -8.05 -7.41
CA TYR A 165 6.52 -7.74 -8.79
C TYR A 165 5.61 -6.51 -8.86
N ASN A 166 4.56 -6.49 -8.04
CA ASN A 166 3.63 -5.36 -8.02
C ASN A 166 4.27 -4.06 -7.56
N LEU A 167 5.32 -4.17 -6.76
CA LEU A 167 6.09 -3.01 -6.28
C LEU A 167 7.24 -2.64 -7.21
N GLY A 168 7.27 -3.27 -8.38
CA GLY A 168 8.20 -2.91 -9.45
C GLY A 168 9.65 -3.32 -9.29
N TYR A 169 9.92 -4.26 -8.40
CA TYR A 169 11.28 -4.78 -8.25
C TYR A 169 11.60 -5.80 -9.34
N ASP A 170 12.87 -5.80 -9.77
CA ASP A 170 13.41 -6.92 -10.54
C ASP A 170 13.57 -8.08 -9.56
N ILE A 171 13.32 -9.30 -10.02
CA ILE A 171 13.36 -10.46 -9.15
C ILE A 171 14.34 -11.52 -9.64
N GLU A 172 15.14 -12.03 -8.70
CA GLU A 172 15.94 -13.22 -8.91
C GLU A 172 15.48 -14.29 -7.93
N ILE A 173 15.34 -15.52 -8.42
CA ILE A 173 15.02 -16.66 -7.56
C ILE A 173 16.21 -17.62 -7.51
N VAL A 174 16.68 -17.93 -6.32
CA VAL A 174 17.77 -18.90 -6.17
C VAL A 174 17.15 -20.29 -6.14
N LYS A 175 17.10 -20.92 -7.32
CA LYS A 175 16.42 -22.20 -7.51
C LYS A 175 16.85 -23.30 -6.51
N PRO A 176 18.17 -23.50 -6.29
CA PRO A 176 18.57 -24.53 -5.31
C PRO A 176 18.43 -24.09 -3.85
N ALA A 177 17.98 -22.85 -3.62
CA ALA A 177 17.82 -22.33 -2.27
C ALA A 177 16.37 -21.94 -1.94
N VAL A 178 15.43 -22.50 -2.69
CA VAL A 178 14.00 -22.48 -2.33
C VAL A 178 13.49 -23.91 -2.29
N ALA A 179 12.49 -24.19 -1.45
CA ALA A 179 11.96 -25.54 -1.30
C ALA A 179 10.50 -25.56 -0.83
N SER A 180 9.77 -26.58 -1.24
CA SER A 180 8.40 -26.81 -0.80
C SER A 180 8.23 -28.26 -0.34
N ILE A 181 7.18 -28.51 0.44
CA ILE A 181 6.80 -29.86 0.84
C ILE A 181 6.42 -30.67 -0.39
N TRP A 182 5.68 -30.02 -1.29
CA TRP A 182 5.08 -30.66 -2.43
CA TRP A 182 5.08 -30.66 -2.46
C TRP A 182 5.89 -30.35 -3.72
N PRO A 183 6.36 -31.40 -4.42
CA PRO A 183 7.22 -31.17 -5.60
C PRO A 183 6.49 -30.53 -6.79
N GLU A 184 5.22 -30.87 -6.96
CA GLU A 184 4.40 -30.29 -8.02
CA GLU A 184 4.39 -30.28 -8.01
C GLU A 184 4.16 -28.80 -7.75
N ASN A 185 4.05 -28.43 -6.47
CA ASN A 185 3.87 -27.04 -6.05
C ASN A 185 5.13 -26.21 -6.27
N HIS A 186 6.28 -26.81 -5.99
CA HIS A 186 7.59 -26.20 -6.21
C HIS A 186 7.77 -25.91 -7.70
N GLN A 187 7.35 -26.86 -8.54
CA GLN A 187 7.43 -26.72 -9.99
C GLN A 187 6.49 -25.64 -10.51
N PHE A 188 5.27 -25.59 -9.98
CA PHE A 188 4.35 -24.54 -10.37
C PHE A 188 4.95 -23.18 -10.07
N ALA A 189 5.47 -23.02 -8.85
CA ALA A 189 6.01 -21.75 -8.38
C ALA A 189 7.17 -21.27 -9.24
N LEU A 190 8.10 -22.17 -9.54
CA LEU A 190 9.24 -21.84 -10.40
C LEU A 190 8.81 -21.37 -11.80
N GLY A 191 7.82 -22.05 -12.36
CA GLY A 191 7.27 -21.68 -13.66
C GLY A 191 6.61 -20.31 -13.61
N HIS A 192 5.82 -20.09 -12.56
CA HIS A 192 5.16 -18.81 -12.33
C HIS A 192 6.17 -17.66 -12.24
N PHE A 193 7.24 -17.85 -11.46
CA PHE A 193 8.29 -16.84 -11.32
C PHE A 193 8.88 -16.45 -12.68
N LYS A 194 9.22 -17.47 -13.46
CA LYS A 194 9.86 -17.26 -14.77
C LYS A 194 8.90 -16.68 -15.82
N ASN A 195 7.76 -17.31 -16.00
CA ASN A 195 6.85 -17.01 -17.12
C ASN A 195 5.87 -15.86 -16.87
N THR A 196 5.49 -15.65 -15.61
CA THR A 196 4.48 -14.64 -15.27
C THR A 196 5.10 -13.39 -14.64
N LEU A 197 6.09 -13.58 -13.78
CA LEU A 197 6.73 -12.46 -13.09
C LEU A 197 8.00 -11.95 -13.79
N GLY A 198 8.48 -12.71 -14.77
CA GLY A 198 9.70 -12.35 -15.51
C GLY A 198 10.96 -12.41 -14.66
N ALA A 199 10.92 -13.24 -13.62
CA ALA A 199 12.05 -13.40 -12.71
C ALA A 199 13.19 -14.19 -13.35
N LYS A 200 14.41 -13.87 -12.93
CA LYS A 200 15.61 -14.58 -13.34
C LYS A 200 15.86 -15.72 -12.36
N LEU A 201 15.94 -16.95 -12.86
CA LEU A 201 16.31 -18.08 -12.02
C LEU A 201 17.84 -18.20 -11.98
N VAL A 202 18.39 -18.23 -10.77
CA VAL A 202 19.84 -18.28 -10.57
C VAL A 202 20.26 -19.45 -9.68
N ASP A 203 21.53 -19.85 -9.76
CA ASP A 203 22.04 -20.89 -8.87
C ASP A 203 22.68 -20.32 -7.61
N GLU A 204 23.32 -21.17 -6.82
CA GLU A 204 23.96 -20.75 -5.56
C GLU A 204 25.17 -19.84 -5.74
N ASN A 205 25.71 -19.77 -6.96
CA ASN A 205 26.79 -18.84 -7.29
C ASN A 205 26.26 -17.55 -7.90
N LEU A 206 24.94 -17.39 -7.84
CA LEU A 206 24.21 -16.25 -8.42
C LEU A 206 24.37 -16.10 -9.94
N ASN A 207 24.58 -17.23 -10.61
CA ASN A 207 24.64 -17.26 -12.07
C ASN A 207 23.29 -17.71 -12.63
N GLU A 208 22.84 -17.04 -13.68
CA GLU A 208 21.56 -17.35 -14.32
C GLU A 208 21.52 -18.79 -14.84
N LEU A 209 20.40 -19.47 -14.59
CA LEU A 209 20.20 -20.83 -15.05
C LEU A 209 19.39 -20.86 -16.34
N PHE A 210 19.91 -21.58 -17.34
CA PHE A 210 19.26 -21.69 -18.65
C PHE A 210 18.76 -23.11 -18.91
N THR B 22 -16.88 -1.81 17.89
CA THR B 22 -15.65 -1.49 18.65
C THR B 22 -14.73 -0.60 17.82
N LYS B 23 -14.22 0.45 18.45
CA LYS B 23 -13.30 1.38 17.79
C LYS B 23 -11.88 1.10 18.26
N ALA B 24 -10.92 1.82 17.69
CA ALA B 24 -9.53 1.73 18.13
C ALA B 24 -9.02 3.12 18.47
N LEU B 25 -8.43 3.24 19.65
CA LEU B 25 -7.74 4.48 20.04
C LEU B 25 -6.26 4.34 19.72
N ILE B 26 -5.74 5.31 18.98
CA ILE B 26 -4.32 5.36 18.63
C ILE B 26 -3.63 6.40 19.50
N SER B 27 -2.60 5.95 20.22
CA SER B 27 -1.83 6.81 21.12
C SER B 27 -0.47 7.08 20.49
N ILE B 28 -0.30 8.30 19.97
CA ILE B 28 0.83 8.61 19.10
C ILE B 28 1.96 9.39 19.81
N ASP B 29 3.11 8.72 19.95
CA ASP B 29 4.37 9.33 20.40
C ASP B 29 4.32 10.14 21.71
N TYR B 30 3.46 9.75 22.64
CA TYR B 30 3.39 10.48 23.91
C TYR B 30 4.48 10.01 24.88
N THR B 31 5.74 10.24 24.50
CA THR B 31 6.90 9.73 25.22
C THR B 31 7.76 10.83 25.81
N GLU B 32 8.71 10.43 26.67
CA GLU B 32 9.66 11.35 27.29
C GLU B 32 10.32 12.33 26.32
N ASP B 33 10.82 11.82 25.20
CA ASP B 33 11.52 12.67 24.23
C ASP B 33 10.65 13.76 23.58
N PHE B 34 9.34 13.51 23.49
CA PHE B 34 8.41 14.48 22.89
C PHE B 34 7.71 15.37 23.92
N VAL B 35 7.70 14.96 25.19
CA VAL B 35 6.86 15.61 26.22
C VAL B 35 7.65 16.23 27.38
N ALA B 36 8.57 15.47 27.97
CA ALA B 36 9.31 15.90 29.16
C ALA B 36 10.17 17.14 28.91
N ASP B 37 10.34 17.97 29.94
CA ASP B 37 11.16 19.19 29.86
CA ASP B 37 11.16 19.20 29.82
C ASP B 37 12.55 18.93 29.27
N SER B 38 13.13 17.78 29.64
CA SER B 38 14.46 17.39 29.18
C SER B 38 14.44 16.47 27.94
N GLY B 39 13.28 16.31 27.33
CA GLY B 39 13.14 15.48 26.13
C GLY B 39 13.96 16.00 24.96
N LYS B 40 14.56 15.08 24.20
CA LYS B 40 15.47 15.44 23.11
C LYS B 40 14.78 16.18 21.95
N LEU B 41 13.48 15.95 21.80
CA LEU B 41 12.68 16.65 20.80
C LEU B 41 11.35 17.07 21.42
N THR B 42 11.44 17.73 22.57
CA THR B 42 10.25 18.02 23.36
C THR B 42 9.40 19.15 22.80
N ALA B 43 8.08 18.95 22.81
CA ALA B 43 7.13 20.01 22.48
C ALA B 43 6.87 20.89 23.69
N GLY B 44 7.40 20.47 24.85
CA GLY B 44 7.37 21.29 26.05
C GLY B 44 5.99 21.44 26.69
N ALA B 45 5.72 22.63 27.22
CA ALA B 45 4.52 22.89 28.01
C ALA B 45 3.18 22.47 27.38
N PRO B 46 2.94 22.78 26.08
CA PRO B 46 1.65 22.36 25.50
C PRO B 46 1.46 20.84 25.50
N ALA B 47 2.54 20.10 25.30
CA ALA B 47 2.48 18.63 25.33
C ALA B 47 2.26 18.10 26.75
N GLN B 48 2.93 18.72 27.72
CA GLN B 48 2.77 18.36 29.12
C GLN B 48 1.34 18.63 29.60
N ALA B 49 0.74 19.70 29.09
CA ALA B 49 -0.60 20.14 29.48
C ALA B 49 -1.72 19.16 29.16
N ILE B 50 -1.50 18.28 28.18
CA ILE B 50 -2.53 17.30 27.80
C ILE B 50 -2.42 15.97 28.55
N SER B 51 -1.42 15.86 29.43
CA SER B 51 -1.16 14.60 30.14
C SER B 51 -2.38 14.01 30.84
N ASP B 52 -3.13 14.85 31.56
CA ASP B 52 -4.33 14.41 32.27
C ASP B 52 -5.42 13.94 31.30
N ALA B 53 -5.67 14.73 30.26
CA ALA B 53 -6.70 14.42 29.27
C ALA B 53 -6.38 13.16 28.46
N ILE B 54 -5.13 13.02 28.01
CA ILE B 54 -4.73 11.87 27.20
C ILE B 54 -4.80 10.56 28.00
N SER B 55 -4.38 10.59 29.27
CA SER B 55 -4.47 9.42 30.12
C SER B 55 -5.91 9.08 30.46
N LYS B 56 -6.73 10.10 30.74
CA LYS B 56 -8.15 9.92 31.03
C LYS B 56 -8.92 9.29 29.86
N VAL B 57 -8.72 9.82 28.66
CA VAL B 57 -9.43 9.35 27.49
C VAL B 57 -9.00 7.93 27.09
N THR B 58 -7.73 7.60 27.32
CA THR B 58 -7.22 6.27 27.00
C THR B 58 -7.79 5.21 27.96
N ARG B 59 -7.78 5.51 29.25
CA ARG B 59 -8.40 4.65 30.24
C ARG B 59 -9.90 4.45 29.96
N LEU B 60 -10.55 5.51 29.49
CA LEU B 60 -11.97 5.44 29.14
C LEU B 60 -12.23 4.54 27.93
N ALA B 61 -11.47 4.74 26.86
CA ALA B 61 -11.59 3.91 25.66
C ALA B 61 -11.39 2.44 26.00
N PHE B 62 -10.42 2.16 26.87
CA PHE B 62 -10.13 0.80 27.33
C PHE B 62 -11.31 0.21 28.13
N GLU B 63 -11.89 1.03 29.01
CA GLU B 63 -13.07 0.68 29.81
C GLU B 63 -14.27 0.34 28.91
N ARG B 64 -14.37 1.06 27.79
CA ARG B 64 -15.46 0.88 26.83
C ARG B 64 -15.24 -0.30 25.88
N GLY B 65 -14.12 -1.00 26.05
CA GLY B 65 -13.82 -2.19 25.24
C GLY B 65 -13.11 -1.93 23.92
N ASP B 66 -12.65 -0.70 23.72
CA ASP B 66 -11.91 -0.34 22.49
C ASP B 66 -10.52 -0.96 22.47
N TYR B 67 -9.96 -1.11 21.27
CA TYR B 67 -8.57 -1.51 21.13
C TYR B 67 -7.67 -0.28 21.32
N ILE B 68 -6.52 -0.48 21.96
CA ILE B 68 -5.57 0.60 22.20
C ILE B 68 -4.23 0.31 21.52
N PHE B 69 -3.84 1.18 20.60
CA PHE B 69 -2.58 1.03 19.88
C PHE B 69 -1.62 2.17 20.21
N PHE B 70 -0.54 1.82 20.93
CA PHE B 70 0.57 2.74 21.14
C PHE B 70 1.50 2.64 19.95
N THR B 71 1.57 3.71 19.17
CA THR B 71 2.38 3.76 17.97
C THR B 71 3.54 4.72 18.21
N ILE B 72 4.72 4.17 18.46
CA ILE B 72 5.83 4.92 19.05
C ILE B 72 7.07 4.95 18.16
N ASP B 73 7.56 6.16 17.88
CA ASP B 73 8.84 6.37 17.18
C ASP B 73 9.92 5.43 17.69
N ALA B 74 10.57 4.72 16.77
CA ALA B 74 11.68 3.83 17.10
C ALA B 74 12.86 4.11 16.18
N HIS B 75 13.72 5.04 16.58
CA HIS B 75 14.85 5.47 15.75
C HIS B 75 16.16 4.83 16.22
N GLU B 76 17.12 4.75 15.31
CA GLU B 76 18.46 4.27 15.64
C GLU B 76 19.49 5.38 15.46
N GLU B 77 20.55 5.34 16.25
CA GLU B 77 21.67 6.26 16.09
C GLU B 77 22.35 5.97 14.77
N ASN B 78 22.75 7.03 14.07
CA ASN B 78 23.43 6.92 12.77
C ASN B 78 22.70 6.03 11.74
N ASP B 79 21.42 6.32 11.53
CA ASP B 79 20.66 5.71 10.44
C ASP B 79 20.71 6.68 9.28
N CYS B 80 21.80 6.62 8.52
CA CYS B 80 22.05 7.55 7.41
C CYS B 80 21.06 7.37 6.25
N PHE B 81 20.38 6.23 6.23
CA PHE B 81 19.39 5.96 5.19
C PHE B 81 18.00 6.50 5.48
N HIS B 82 17.78 6.95 6.72
CA HIS B 82 16.51 7.58 7.10
C HIS B 82 16.57 9.10 6.84
N PRO B 83 15.70 9.62 5.94
CA PRO B 83 15.67 11.04 5.63
C PRO B 83 15.36 11.93 6.85
N GLU B 84 14.67 11.40 7.84
CA GLU B 84 14.33 12.14 9.07
C GLU B 84 15.57 12.53 9.88
N SER B 85 16.66 11.76 9.73
CA SER B 85 17.89 11.99 10.49
C SER B 85 18.54 13.37 10.25
N LYS B 86 18.35 13.91 9.05
CA LYS B 86 18.86 15.25 8.70
C LYS B 86 17.97 16.37 9.23
N LEU B 87 16.73 16.03 9.57
CA LEU B 87 15.70 17.05 9.84
C LEU B 87 15.51 17.36 11.33
N PHE B 88 15.75 16.37 12.18
CA PHE B 88 15.60 16.53 13.63
C PHE B 88 16.79 15.90 14.35
N PRO B 89 17.15 16.44 15.53
CA PRO B 89 18.16 15.80 16.38
C PRO B 89 17.73 14.38 16.79
N PRO B 90 18.69 13.53 17.18
CA PRO B 90 18.36 12.17 17.65
C PRO B 90 17.27 12.19 18.73
N HIS B 91 16.26 11.34 18.54
CA HIS B 91 15.12 11.26 19.45
C HIS B 91 14.52 9.85 19.43
N ASN B 92 13.88 9.46 20.53
CA ASN B 92 13.24 8.15 20.66
C ASN B 92 14.11 6.97 20.19
N LEU B 93 15.36 6.95 20.64
CA LEU B 93 16.28 5.89 20.27
C LEU B 93 15.92 4.58 20.96
N ILE B 94 15.97 3.49 20.22
CA ILE B 94 15.68 2.16 20.74
C ILE B 94 16.59 1.86 21.95
N GLY B 95 15.97 1.40 23.03
CA GLY B 95 16.69 1.04 24.25
C GLY B 95 17.05 2.22 25.14
N THR B 96 16.42 3.37 24.90
CA THR B 96 16.63 4.54 25.76
C THR B 96 15.35 4.94 26.50
N SER B 97 15.51 5.79 27.51
CA SER B 97 14.40 6.28 28.32
C SER B 97 13.52 7.25 27.52
N GLY B 98 14.07 7.79 26.43
CA GLY B 98 13.34 8.67 25.54
C GLY B 98 12.02 8.10 25.03
N ARG B 99 11.97 6.78 24.91
CA ARG B 99 10.79 6.08 24.39
C ARG B 99 9.75 5.72 25.45
N ASN B 100 10.01 6.08 26.71
CA ASN B 100 9.07 5.79 27.79
C ASN B 100 7.86 6.70 27.73
N LEU B 101 6.66 6.10 27.76
CA LEU B 101 5.41 6.85 27.78
C LEU B 101 5.36 7.78 28.99
N TYR B 102 4.93 9.02 28.76
CA TYR B 102 4.95 10.06 29.77
C TYR B 102 3.66 10.06 30.61
N GLY B 103 3.82 10.30 31.90
CA GLY B 103 2.69 10.49 32.81
C GLY B 103 1.89 9.24 33.07
N ASP B 104 0.61 9.42 33.39
CA ASP B 104 -0.28 8.30 33.73
C ASP B 104 -0.47 7.29 32.58
N LEU B 105 -0.28 7.75 31.34
CA LEU B 105 -0.27 6.85 30.19
C LEU B 105 0.75 5.73 30.38
N GLY B 106 1.94 6.09 30.88
CA GLY B 106 2.99 5.13 31.20
C GLY B 106 2.55 4.15 32.26
N ILE B 107 1.91 4.66 33.31
CA ILE B 107 1.38 3.83 34.38
C ILE B 107 0.30 2.87 33.86
N PHE B 108 -0.57 3.39 32.99
CA PHE B 108 -1.60 2.58 32.33
C PHE B 108 -1.00 1.44 31.53
N TYR B 109 0.11 1.72 30.84
CA TYR B 109 0.77 0.68 30.06
C TYR B 109 1.38 -0.41 30.94
N GLN B 110 1.94 -0.02 32.08
CA GLN B 110 2.44 -0.98 33.05
C GLN B 110 1.29 -1.88 33.54
N GLU B 111 0.14 -1.25 33.80
CA GLU B 111 -1.06 -1.94 34.29
C GLU B 111 -1.68 -2.89 33.27
N HIS B 112 -1.80 -2.45 32.02
CA HIS B 112 -2.61 -3.14 31.03
C HIS B 112 -1.92 -3.47 29.70
N GLY B 113 -0.63 -3.20 29.61
CA GLY B 113 0.13 -3.46 28.37
C GLY B 113 0.08 -4.90 27.91
N SER B 114 -0.06 -5.82 28.86
CA SER B 114 -0.12 -7.25 28.58
C SER B 114 -1.52 -7.74 28.20
N ASP B 115 -2.50 -6.82 28.20
CA ASP B 115 -3.89 -7.13 27.80
C ASP B 115 -3.99 -7.45 26.31
N SER B 116 -5.05 -8.17 25.94
CA SER B 116 -5.30 -8.58 24.56
C SER B 116 -5.64 -7.42 23.62
N ARG B 117 -6.16 -6.32 24.18
CA ARG B 117 -6.63 -5.18 23.38
C ARG B 117 -5.61 -4.04 23.27
N VAL B 118 -4.51 -4.15 24.02
CA VAL B 118 -3.46 -3.14 24.04
C VAL B 118 -2.28 -3.61 23.19
N PHE B 119 -1.80 -2.73 22.32
CA PHE B 119 -0.71 -3.07 21.41
C PHE B 119 0.38 -2.01 21.48
N TRP B 120 1.63 -2.46 21.35
CA TRP B 120 2.76 -1.56 21.20
C TRP B 120 3.35 -1.75 19.82
N MET B 121 3.39 -0.66 19.04
CA MET B 121 3.87 -0.71 17.67
C MET B 121 4.99 0.29 17.44
N ASP B 122 6.15 -0.23 17.05
CA ASP B 122 7.27 0.61 16.66
C ASP B 122 7.00 1.19 15.27
N LYS B 123 7.35 2.45 15.08
CA LYS B 123 7.24 3.09 13.77
C LYS B 123 8.47 3.92 13.45
N ARG B 124 8.75 4.09 12.17
CA ARG B 124 9.93 4.84 11.74
C ARG B 124 9.56 6.12 11.00
N HIS B 125 8.39 6.15 10.36
CA HIS B 125 7.88 7.38 9.74
C HIS B 125 6.96 8.10 10.73
N TYR B 126 6.42 9.25 10.31
CA TYR B 126 5.53 10.01 11.19
C TYR B 126 4.19 9.33 11.35
N SER B 127 3.63 8.85 10.24
CA SER B 127 2.35 8.17 10.24
C SER B 127 2.44 6.82 10.95
N ALA B 128 1.44 6.55 11.79
CA ALA B 128 1.35 5.27 12.49
C ALA B 128 1.12 4.06 11.57
N PHE B 129 0.72 4.33 10.32
CA PHE B 129 0.42 3.28 9.35
C PHE B 129 1.61 2.89 8.46
N SER B 130 2.56 3.81 8.31
CA SER B 130 3.63 3.65 7.33
C SER B 130 4.67 2.60 7.75
N GLY B 131 4.70 1.50 7.02
CA GLY B 131 5.63 0.40 7.32
C GLY B 131 5.28 -0.44 8.53
N THR B 132 4.05 -0.27 9.04
CA THR B 132 3.59 -1.03 10.21
C THR B 132 2.48 -1.99 9.78
N ASP B 133 1.96 -2.78 10.73
CA ASP B 133 0.81 -3.63 10.45
C ASP B 133 -0.50 -3.08 11.06
N LEU B 134 -0.53 -1.78 11.35
CA LEU B 134 -1.72 -1.16 11.94
C LEU B 134 -3.00 -1.44 11.16
N ASP B 135 -3.00 -1.14 9.86
CA ASP B 135 -4.16 -1.37 9.00
C ASP B 135 -4.58 -2.85 9.03
N ILE B 136 -3.60 -3.75 8.99
CA ILE B 136 -3.87 -5.20 9.07
C ILE B 136 -4.58 -5.57 10.38
N ARG B 137 -4.06 -5.10 11.51
CA ARG B 137 -4.66 -5.40 12.81
C ARG B 137 -6.06 -4.83 12.96
N LEU B 138 -6.29 -3.64 12.41
CA LEU B 138 -7.61 -3.00 12.48
C LEU B 138 -8.65 -3.74 11.64
N ARG B 139 -8.26 -4.15 10.43
CA ARG B 139 -9.19 -4.86 9.56
CA ARG B 139 -9.14 -4.88 9.52
C ARG B 139 -9.46 -6.28 10.03
N GLU B 140 -8.50 -6.89 10.73
CA GLU B 140 -8.73 -8.19 11.38
C GLU B 140 -9.87 -8.09 12.39
N ARG B 141 -10.03 -6.90 12.98
CA ARG B 141 -11.03 -6.65 14.00
C ARG B 141 -12.28 -5.95 13.48
N ARG B 142 -12.31 -5.71 12.16
CA ARG B 142 -13.39 -4.96 11.49
C ARG B 142 -13.66 -3.60 12.14
N VAL B 143 -12.58 -2.98 12.65
CA VAL B 143 -12.62 -1.61 13.17
C VAL B 143 -12.92 -0.66 12.02
N SER B 144 -13.91 0.20 12.19
CA SER B 144 -14.25 1.16 11.15
C SER B 144 -13.93 2.61 11.56
N THR B 145 -13.68 2.82 12.85
CA THR B 145 -13.34 4.17 13.31
CA THR B 145 -13.41 4.16 13.39
C THR B 145 -12.15 4.19 14.25
N VAL B 146 -11.25 5.14 13.97
CA VAL B 146 -10.05 5.34 14.76
C VAL B 146 -10.14 6.65 15.54
N ILE B 147 -9.71 6.60 16.79
CA ILE B 147 -9.70 7.75 17.67
C ILE B 147 -8.25 8.15 17.88
N LEU B 148 -7.90 9.39 17.53
CA LEU B 148 -6.50 9.81 17.53
C LEU B 148 -6.13 10.72 18.70
N THR B 149 -5.01 10.40 19.34
CA THR B 149 -4.46 11.17 20.46
C THR B 149 -2.95 11.24 20.30
N GLY B 150 -2.34 12.24 20.95
CA GLY B 150 -0.89 12.31 21.01
C GLY B 150 -0.28 13.53 20.35
N VAL B 151 1.01 13.42 20.00
CA VAL B 151 1.80 14.55 19.51
C VAL B 151 2.64 14.11 18.30
N LEU B 152 3.02 15.03 17.42
CA LEU B 152 2.53 16.42 17.41
C LEU B 152 1.31 16.48 16.49
N THR B 153 0.38 17.38 16.81
CA THR B 153 -0.87 17.54 16.06
C THR B 153 -0.62 17.69 14.55
N ASP B 154 0.39 18.47 14.20
CA ASP B 154 0.66 18.85 12.81
C ASP B 154 1.70 17.97 12.12
N ILE B 155 2.22 16.96 12.82
CA ILE B 155 3.22 16.07 12.23
C ILE B 155 2.78 14.62 12.34
C JJJ B 156 1.11 12.19 13.61
N JJJ B 156 2.92 13.78 13.37
O JJJ B 156 0.57 11.32 12.94
N1 JJJ B 156 9.45 12.33 14.80
C2 JJJ B 156 8.12 12.15 14.96
C3 JJJ B 156 7.25 13.24 15.01
C4 JJJ B 156 7.75 14.53 14.90
C5 JJJ B 156 9.13 14.70 14.75
C6 JJJ B 156 9.96 13.57 14.70
C7 JJJ B 156 5.77 13.02 15.16
O7 JJJ B 156 5.08 13.81 15.83
CA JJJ B 156 2.60 12.36 13.47
CB JJJ B 156 3.32 11.75 14.67
SG JJJ B 156 5.06 11.73 14.36
N VAL B 157 0.39 13.10 14.25
CA VAL B 157 -1.10 13.01 14.29
C VAL B 157 -1.70 13.32 12.89
N LEU B 158 -1.23 14.40 12.26
CA LEU B 158 -1.69 14.79 10.93
C LEU B 158 -1.44 13.69 9.87
N HIS B 159 -0.21 13.16 9.84
CA HIS B 159 0.14 12.10 8.89
C HIS B 159 -0.70 10.84 9.12
N THR B 160 -0.88 10.46 10.39
CA THR B 160 -1.69 9.31 10.75
C THR B 160 -3.16 9.50 10.32
N ALA B 161 -3.68 10.71 10.51
CA ALA B 161 -5.06 11.04 10.15
C ALA B 161 -5.28 10.96 8.63
N ILE B 162 -4.34 11.52 7.87
CA ILE B 162 -4.42 11.49 6.41
C ILE B 162 -4.36 10.05 5.88
N ASP B 163 -3.45 9.25 6.43
CA ASP B 163 -3.36 7.83 6.09
C ASP B 163 -4.67 7.09 6.42
N ALA B 164 -5.25 7.40 7.58
CA ALA B 164 -6.52 6.80 7.99
C ALA B 164 -7.67 7.16 7.03
N TYR B 165 -7.71 8.43 6.62
CA TYR B 165 -8.70 8.92 5.66
C TYR B 165 -8.61 8.16 4.33
N ASN B 166 -7.42 8.08 3.76
CA ASN B 166 -7.21 7.36 2.50
C ASN B 166 -7.54 5.87 2.59
N LEU B 167 -7.41 5.32 3.78
CA LEU B 167 -7.74 3.92 4.05
C LEU B 167 -9.21 3.72 4.47
N GLY B 168 -10.00 4.78 4.36
CA GLY B 168 -11.46 4.69 4.52
C GLY B 168 -11.98 4.58 5.94
N TYR B 169 -11.14 4.92 6.93
CA TYR B 169 -11.58 4.93 8.32
C TYR B 169 -12.31 6.22 8.67
N ASP B 170 -13.37 6.10 9.46
CA ASP B 170 -13.95 7.24 10.14
C ASP B 170 -12.96 7.67 11.21
N ILE B 171 -12.86 8.98 11.43
CA ILE B 171 -11.84 9.53 12.31
C ILE B 171 -12.45 10.37 13.42
N GLU B 172 -12.02 10.11 14.65
CA GLU B 172 -12.29 10.98 15.79
C GLU B 172 -10.97 11.54 16.30
N ILE B 173 -10.94 12.84 16.55
CA ILE B 173 -9.77 13.50 17.12
C ILE B 173 -10.14 13.96 18.52
N VAL B 174 -9.38 13.52 19.52
CA VAL B 174 -9.60 14.00 20.88
C VAL B 174 -8.88 15.33 21.03
N LYS B 175 -9.63 16.41 20.84
CA LYS B 175 -9.06 17.76 20.83
C LYS B 175 -8.16 18.09 22.03
N PRO B 176 -8.63 17.84 23.28
CA PRO B 176 -7.76 18.16 24.42
C PRO B 176 -6.63 17.15 24.66
N ALA B 177 -6.53 16.12 23.81
CA ALA B 177 -5.51 15.07 23.95
C ALA B 177 -4.56 14.99 22.74
N VAL B 178 -4.44 16.09 22.02
CA VAL B 178 -3.41 16.28 21.00
C VAL B 178 -2.75 17.64 21.23
N ALA B 179 -1.48 17.75 20.89
CA ALA B 179 -0.73 18.99 21.10
C ALA B 179 0.42 19.15 20.12
N SER B 180 0.75 20.41 19.83
CA SER B 180 1.91 20.76 19.04
C SER B 180 2.75 21.77 19.82
N ILE B 181 3.99 21.95 19.41
CA ILE B 181 4.84 22.98 20.01
C ILE B 181 4.39 24.38 19.54
N TRP B 182 3.89 24.47 18.30
CA TRP B 182 3.39 25.73 17.75
C TRP B 182 1.85 25.74 17.72
N PRO B 183 1.22 26.69 18.45
CA PRO B 183 -0.25 26.74 18.50
C PRO B 183 -0.94 27.02 17.16
N GLU B 184 -0.31 27.82 16.30
CA GLU B 184 -0.84 28.06 14.95
C GLU B 184 -0.89 26.79 14.10
N ASN B 185 0.11 25.93 14.26
CA ASN B 185 0.16 24.64 13.58
C ASN B 185 -0.91 23.69 14.13
N HIS B 186 -1.10 23.72 15.44
CA HIS B 186 -2.15 22.97 16.12
C HIS B 186 -3.53 23.38 15.58
N GLN B 187 -3.71 24.69 15.40
CA GLN B 187 -4.94 25.23 14.83
C GLN B 187 -5.15 24.82 13.37
N PHE B 188 -4.07 24.86 12.59
CA PHE B 188 -4.19 24.44 11.19
C PHE B 188 -4.67 22.99 11.11
N ALA B 189 -4.03 22.12 11.90
CA ALA B 189 -4.31 20.68 11.86
C ALA B 189 -5.75 20.38 12.26
N LEU B 190 -6.21 20.95 13.37
CA LEU B 190 -7.60 20.78 13.80
C LEU B 190 -8.60 21.17 12.71
N GLY B 191 -8.36 22.32 12.07
CA GLY B 191 -9.19 22.77 10.94
C GLY B 191 -9.15 21.79 9.79
N HIS B 192 -7.96 21.30 9.48
CA HIS B 192 -7.77 20.31 8.43
C HIS B 192 -8.54 19.01 8.71
N PHE B 193 -8.48 18.54 9.95
CA PHE B 193 -9.19 17.32 10.37
C PHE B 193 -10.69 17.46 10.14
N LYS B 194 -11.25 18.57 10.60
CA LYS B 194 -12.68 18.81 10.54
C LYS B 194 -13.17 19.05 9.12
N ASN B 195 -12.50 19.97 8.42
CA ASN B 195 -12.97 20.47 7.12
C ASN B 195 -12.55 19.64 5.91
N THR B 196 -11.39 19.00 5.99
CA THR B 196 -10.86 18.26 4.85
C THR B 196 -11.01 16.74 5.02
N LEU B 197 -10.80 16.26 6.23
CA LEU B 197 -10.89 14.83 6.51
C LEU B 197 -12.27 14.40 6.99
N GLY B 198 -13.10 15.37 7.34
CA GLY B 198 -14.44 15.09 7.86
C GLY B 198 -14.41 14.38 9.20
N ALA B 199 -13.37 14.63 9.97
CA ALA B 199 -13.21 14.04 11.29
C ALA B 199 -14.15 14.68 12.30
N LYS B 200 -14.51 13.89 13.31
CA LYS B 200 -15.31 14.34 14.44
C LYS B 200 -14.35 14.74 15.57
N LEU B 201 -14.47 15.99 16.04
CA LEU B 201 -13.70 16.42 17.19
C LEU B 201 -14.45 16.05 18.46
N VAL B 202 -13.79 15.34 19.37
CA VAL B 202 -14.39 14.91 20.63
C VAL B 202 -13.55 15.37 21.83
N ASP B 203 -14.17 15.38 23.01
CA ASP B 203 -13.45 15.73 24.23
C ASP B 203 -12.92 14.50 24.96
N GLU B 204 -12.39 14.69 26.16
CA GLU B 204 -11.81 13.60 26.95
C GLU B 204 -12.85 12.57 27.43
N ASN B 205 -14.13 12.93 27.33
CA ASN B 205 -15.23 12.01 27.63
C ASN B 205 -15.76 11.29 26.38
N LEU B 206 -15.08 11.52 25.25
CA LEU B 206 -15.47 10.99 23.93
C LEU B 206 -16.84 11.50 23.46
N ASN B 207 -17.20 12.70 23.91
CA ASN B 207 -18.41 13.38 23.47
C ASN B 207 -18.06 14.40 22.39
N GLU B 208 -18.87 14.44 21.35
CA GLU B 208 -18.64 15.36 20.22
C GLU B 208 -18.63 16.82 20.65
N LEU B 209 -17.69 17.57 20.10
CA LEU B 209 -17.58 19.01 20.31
C LEU B 209 -18.13 19.75 19.10
N PHE B 210 -18.91 20.79 19.36
CA PHE B 210 -19.52 21.60 18.29
C PHE B 210 -18.99 23.03 18.32
N MET C 21 19.18 11.72 -13.45
CA MET C 21 18.85 13.15 -13.65
C MET C 21 17.38 13.36 -14.03
N THR C 22 16.73 12.30 -14.54
CA THR C 22 15.33 12.40 -14.96
C THR C 22 14.33 12.26 -13.80
N LYS C 23 13.47 13.27 -13.68
CA LYS C 23 12.51 13.36 -12.58
C LYS C 23 11.08 13.33 -13.12
N ALA C 24 10.11 13.45 -12.23
CA ALA C 24 8.72 13.57 -12.64
C ALA C 24 8.10 14.82 -12.04
N LEU C 25 7.42 15.60 -12.88
CA LEU C 25 6.65 16.73 -12.39
C LEU C 25 5.18 16.33 -12.29
N ILE C 26 4.59 16.63 -11.13
CA ILE C 26 3.19 16.31 -10.87
C ILE C 26 2.39 17.61 -10.91
N SER C 27 1.37 17.62 -11.76
CA SER C 27 0.53 18.79 -11.96
C SER C 27 -0.84 18.54 -11.33
N ILE C 28 -1.09 19.19 -10.20
CA ILE C 28 -2.22 18.82 -9.36
C ILE C 28 -3.41 19.78 -9.47
N ASP C 29 -4.49 19.26 -10.04
CA ASP C 29 -5.81 19.93 -10.06
C ASP C 29 -5.84 21.37 -10.55
N TYR C 30 -4.93 21.74 -11.46
CA TYR C 30 -4.95 23.11 -11.97
C TYR C 30 -5.98 23.29 -13.08
N THR C 31 -7.25 23.18 -12.70
CA THR C 31 -8.36 23.15 -13.65
C THR C 31 -9.32 24.34 -13.45
N GLU C 32 -10.24 24.51 -14.39
CA GLU C 32 -11.22 25.61 -14.34
C GLU C 32 -11.95 25.70 -13.00
N ASP C 33 -12.46 24.57 -12.51
CA ASP C 33 -13.22 24.53 -11.25
C ASP C 33 -12.43 24.99 -10.02
N PHE C 34 -11.12 24.83 -10.04
CA PHE C 34 -10.26 25.27 -8.94
C PHE C 34 -9.69 26.67 -9.14
N VAL C 35 -9.68 27.16 -10.37
CA VAL C 35 -8.94 28.38 -10.72
C VAL C 35 -9.80 29.52 -11.27
N ALA C 36 -10.67 29.21 -12.24
CA ALA C 36 -11.48 30.22 -12.91
C ALA C 36 -12.45 30.93 -11.95
N ASP C 37 -12.80 32.17 -12.28
CA ASP C 37 -13.69 32.98 -11.45
C ASP C 37 -15.05 32.33 -11.19
N SER C 38 -15.54 31.58 -12.18
CA SER C 38 -16.82 30.89 -12.06
C SER C 38 -16.67 29.42 -11.65
N GLY C 39 -15.45 29.04 -11.26
CA GLY C 39 -15.14 27.68 -10.82
C GLY C 39 -15.99 27.24 -9.65
N LYS C 40 -16.45 25.99 -9.69
CA LYS C 40 -17.31 25.42 -8.65
C LYS C 40 -16.65 25.32 -7.27
N LEU C 41 -15.32 25.22 -7.25
CA LEU C 41 -14.56 25.21 -6.01
C LEU C 41 -13.33 26.11 -6.15
N THR C 42 -13.56 27.30 -6.70
CA THR C 42 -12.48 28.20 -7.09
C THR C 42 -11.67 28.74 -5.92
N ALA C 43 -10.35 28.73 -6.10
CA ALA C 43 -9.43 29.31 -5.14
C ALA C 43 -9.17 30.79 -5.48
N GLY C 44 -9.75 31.23 -6.59
CA GLY C 44 -9.76 32.65 -6.96
C GLY C 44 -8.41 33.26 -7.30
N ALA C 45 -8.20 34.48 -6.80
CA ALA C 45 -7.04 35.29 -7.13
C ALA C 45 -5.66 34.61 -6.93
N PRO C 46 -5.40 34.02 -5.74
CA PRO C 46 -4.11 33.36 -5.55
C PRO C 46 -3.83 32.21 -6.51
N ALA C 47 -4.88 31.47 -6.89
CA ALA C 47 -4.76 30.37 -7.86
C ALA C 47 -4.50 30.88 -9.28
N GLN C 48 -5.17 31.97 -9.65
CA GLN C 48 -4.96 32.59 -10.96
C GLN C 48 -3.57 33.20 -11.08
N ALA C 49 -3.06 33.71 -9.96
CA ALA C 49 -1.75 34.38 -9.92
C ALA C 49 -0.57 33.45 -10.27
N ILE C 50 -0.74 32.15 -10.13
CA ILE C 50 0.34 31.20 -10.42
C ILE C 50 0.32 30.65 -11.86
N SER C 51 -0.64 31.10 -12.67
CA SER C 51 -0.83 30.58 -14.03
C SER C 51 0.40 30.66 -14.93
N ASP C 52 1.08 31.81 -14.92
CA ASP C 52 2.32 31.99 -15.70
C ASP C 52 3.43 31.07 -15.22
N ALA C 53 3.64 31.03 -13.90
CA ALA C 53 4.71 30.23 -13.29
C ALA C 53 4.50 28.71 -13.44
N ILE C 54 3.25 28.26 -13.28
CA ILE C 54 2.95 26.83 -13.39
C ILE C 54 3.12 26.30 -14.83
N SER C 55 2.77 27.11 -15.81
CA SER C 55 2.95 26.70 -17.20
C SER C 55 4.42 26.78 -17.61
N LYS C 56 5.13 27.81 -17.15
CA LYS C 56 6.56 27.97 -17.46
C LYS C 56 7.37 26.78 -16.94
N VAL C 57 7.13 26.42 -15.68
CA VAL C 57 7.90 25.36 -15.03
C VAL C 57 7.58 23.98 -15.61
N THR C 58 6.32 23.76 -16.01
CA THR C 58 5.90 22.50 -16.62
C THR C 58 6.58 22.32 -17.99
N ARG C 59 6.57 23.37 -18.81
CA ARG C 59 7.25 23.36 -20.11
C ARG C 59 8.76 23.13 -19.97
N LEU C 60 9.36 23.72 -18.94
CA LEU C 60 10.79 23.55 -18.67
C LEU C 60 11.13 22.11 -18.28
N ALA C 61 10.34 21.54 -17.38
CA ALA C 61 10.50 20.14 -16.97
C ALA C 61 10.38 19.20 -18.17
N PHE C 62 9.35 19.42 -18.99
CA PHE C 62 9.15 18.61 -20.19
C PHE C 62 10.32 18.72 -21.18
N GLU C 63 10.81 19.93 -21.38
CA GLU C 63 11.93 20.17 -22.30
C GLU C 63 13.22 19.48 -21.82
N ARG C 64 13.35 19.36 -20.51
CA ARG C 64 14.49 18.72 -19.83
CA ARG C 64 14.54 18.73 -19.95
C ARG C 64 14.49 17.20 -19.98
N GLY C 65 13.32 16.64 -20.31
CA GLY C 65 13.16 15.19 -20.42
C GLY C 65 12.36 14.56 -19.30
N ASP C 66 11.84 15.38 -18.38
CA ASP C 66 11.06 14.89 -17.25
C ASP C 66 9.70 14.32 -17.68
N TYR C 67 9.15 13.45 -16.84
CA TYR C 67 7.80 12.94 -17.04
C TYR C 67 6.84 13.92 -16.40
N ILE C 68 5.68 14.09 -17.02
CA ILE C 68 4.67 15.03 -16.54
C ILE C 68 3.38 14.27 -16.25
N PHE C 69 2.92 14.32 -15.00
CA PHE C 69 1.68 13.66 -14.60
C PHE C 69 0.64 14.68 -14.19
N PHE C 70 -0.41 14.80 -14.99
CA PHE C 70 -1.58 15.60 -14.64
C PHE C 70 -2.50 14.73 -13.80
N THR C 71 -2.63 15.09 -12.53
CA THR C 71 -3.40 14.29 -11.58
C THR C 71 -4.61 15.10 -11.15
N ILE C 72 -5.76 14.72 -11.71
CA ILE C 72 -6.93 15.59 -11.73
C ILE C 72 -8.14 14.92 -11.06
N ASP C 73 -8.77 15.65 -10.15
CA ASP C 73 -10.03 15.24 -9.55
C ASP C 73 -11.03 14.80 -10.61
N ALA C 74 -11.61 13.62 -10.41
CA ALA C 74 -12.64 13.10 -11.29
C ALA C 74 -13.82 12.63 -10.44
N HIS C 75 -14.74 13.56 -10.18
CA HIS C 75 -15.86 13.32 -9.28
C HIS C 75 -17.15 12.97 -10.03
N GLU C 76 -18.09 12.35 -9.32
CA GLU C 76 -19.39 12.00 -9.89
C GLU C 76 -20.54 12.62 -9.08
N ASP C 79 -22.51 10.33 -5.95
CA ASP C 79 -21.60 9.53 -5.15
C ASP C 79 -21.81 9.76 -3.65
N CYS C 80 -22.79 9.05 -3.09
CA CYS C 80 -23.09 9.13 -1.66
C CYS C 80 -22.04 8.39 -0.84
N PHE C 81 -21.29 7.50 -1.49
CA PHE C 81 -20.28 6.68 -0.82
C PHE C 81 -18.94 7.38 -0.61
N HIS C 82 -18.71 8.48 -1.32
CA HIS C 82 -17.51 9.27 -1.15
C HIS C 82 -17.67 10.25 0.01
N PRO C 83 -16.82 10.11 1.07
CA PRO C 83 -16.85 11.03 2.22
C PRO C 83 -16.65 12.51 1.85
N GLU C 84 -15.91 12.78 0.78
CA GLU C 84 -15.65 14.14 0.32
C GLU C 84 -16.91 14.87 -0.17
N SER C 85 -17.89 14.10 -0.64
CA SER C 85 -19.15 14.66 -1.17
C SER C 85 -19.92 15.50 -0.13
N LYS C 86 -19.74 15.17 1.15
CA LYS C 86 -20.36 15.90 2.25
C LYS C 86 -19.55 17.13 2.69
N LEU C 87 -18.33 17.25 2.20
CA LEU C 87 -17.38 18.26 2.68
C LEU C 87 -17.20 19.45 1.73
N PHE C 88 -17.36 19.19 0.43
CA PHE C 88 -17.23 20.22 -0.58
C PHE C 88 -18.39 20.13 -1.58
N PRO C 89 -18.78 21.27 -2.18
CA PRO C 89 -19.78 21.26 -3.25
C PRO C 89 -19.24 20.55 -4.50
N PRO C 90 -20.13 20.08 -5.40
CA PRO C 90 -19.69 19.38 -6.61
C PRO C 90 -18.63 20.17 -7.38
N HIS C 91 -17.57 19.47 -7.78
CA HIS C 91 -16.44 20.09 -8.48
C HIS C 91 -15.75 19.04 -9.33
N ASN C 92 -15.10 19.48 -10.41
CA ASN C 92 -14.38 18.59 -11.33
C ASN C 92 -15.18 17.33 -11.67
N LEU C 93 -16.44 17.53 -12.05
CA LEU C 93 -17.32 16.42 -12.42
C LEU C 93 -16.90 15.86 -13.77
N ILE C 94 -16.95 14.53 -13.88
CA ILE C 94 -16.54 13.83 -15.09
C ILE C 94 -17.35 14.30 -16.29
N GLY C 95 -16.63 14.68 -17.35
CA GLY C 95 -17.25 15.09 -18.62
C GLY C 95 -17.61 16.57 -18.71
N THR C 96 -17.29 17.34 -17.66
CA THR C 96 -17.62 18.77 -17.64
C THR C 96 -16.40 19.65 -17.90
N SER C 97 -16.66 20.90 -18.24
CA SER C 97 -15.60 21.89 -18.52
C SER C 97 -14.81 22.29 -17.28
N GLY C 98 -15.33 21.92 -16.10
CA GLY C 98 -14.63 22.16 -14.84
C GLY C 98 -13.32 21.41 -14.72
N ARG C 99 -13.15 20.36 -15.53
CA ARG C 99 -11.95 19.53 -15.52
C ARG C 99 -10.90 19.94 -16.56
N ASN C 100 -11.21 20.93 -17.39
CA ASN C 100 -10.25 21.48 -18.35
C ASN C 100 -9.11 22.21 -17.65
N LEU C 101 -7.88 22.02 -18.12
CA LEU C 101 -6.73 22.70 -17.53
C LEU C 101 -6.78 24.20 -17.79
N TYR C 102 -6.37 24.99 -16.80
CA TYR C 102 -6.49 26.44 -16.84
C TYR C 102 -5.23 27.11 -17.40
N GLY C 103 -5.44 28.14 -18.23
CA GLY C 103 -4.35 28.96 -18.73
C GLY C 103 -3.48 28.29 -19.77
N ASP C 104 -2.24 28.78 -19.90
CA ASP C 104 -1.27 28.26 -20.87
C ASP C 104 -0.97 26.76 -20.66
N LEU C 105 -1.23 26.26 -19.45
CA LEU C 105 -1.08 24.85 -19.12
C LEU C 105 -1.96 23.97 -20.02
N GLY C 106 -3.16 24.45 -20.32
CA GLY C 106 -4.06 23.79 -21.26
C GLY C 106 -3.50 23.72 -22.66
N ILE C 107 -2.73 24.75 -23.05
CA ILE C 107 -2.09 24.80 -24.36
C ILE C 107 -0.92 23.81 -24.44
N PHE C 108 -0.11 23.76 -23.37
CA PHE C 108 0.95 22.75 -23.27
C PHE C 108 0.38 21.35 -23.45
N TYR C 109 -0.77 21.08 -22.83
CA TYR C 109 -1.40 19.78 -22.94
C TYR C 109 -1.92 19.50 -24.35
N GLN C 110 -2.39 20.54 -25.04
CA GLN C 110 -2.80 20.42 -26.43
C GLN C 110 -1.61 20.05 -27.32
N GLU C 111 -0.46 20.67 -27.05
CA GLU C 111 0.78 20.44 -27.80
C GLU C 111 1.42 19.08 -27.52
N HIS C 112 1.39 18.65 -26.26
CA HIS C 112 2.19 17.49 -25.81
C HIS C 112 1.43 16.42 -25.04
N GLY C 113 0.12 16.53 -24.98
CA GLY C 113 -0.71 15.59 -24.24
C GLY C 113 -0.61 14.14 -24.68
N SER C 114 -0.22 13.94 -25.95
CA SER C 114 -0.11 12.59 -26.52
CA SER C 114 -0.11 12.59 -26.52
C SER C 114 1.31 12.02 -26.43
N ASP C 115 2.25 12.84 -25.94
CA ASP C 115 3.63 12.40 -25.80
C ASP C 115 3.73 11.26 -24.78
N SER C 116 4.67 10.33 -25.00
CA SER C 116 4.79 9.16 -24.13
C SER C 116 5.23 9.52 -22.69
N ARG C 117 5.75 10.73 -22.53
CA ARG C 117 6.20 11.24 -21.22
C ARG C 117 5.11 12.00 -20.46
N VAL C 118 3.95 12.21 -21.07
CA VAL C 118 2.87 12.98 -20.46
C VAL C 118 1.66 12.09 -20.14
N PHE C 119 1.16 12.20 -18.92
CA PHE C 119 0.06 11.36 -18.46
C PHE C 119 -1.10 12.21 -17.94
N TRP C 120 -2.33 11.74 -18.19
CA TRP C 120 -3.52 12.27 -17.55
C TRP C 120 -4.06 11.20 -16.62
N MET C 121 -4.20 11.54 -15.35
CA MET C 121 -4.52 10.57 -14.31
C MET C 121 -5.72 11.05 -13.50
N ASP C 122 -6.78 10.26 -13.50
CA ASP C 122 -7.97 10.59 -12.73
C ASP C 122 -7.75 10.19 -11.26
N LYS C 123 -8.19 11.03 -10.34
CA LYS C 123 -8.11 10.71 -8.92
C LYS C 123 -9.40 11.08 -8.17
N ARG C 124 -9.67 10.34 -7.10
CA ARG C 124 -10.87 10.54 -6.29
C ARG C 124 -10.60 11.07 -4.88
N HIS C 125 -9.39 10.84 -4.37
CA HIS C 125 -8.98 11.45 -3.12
C HIS C 125 -8.10 12.67 -3.38
N TYR C 126 -7.67 13.35 -2.32
CA TYR C 126 -6.84 14.54 -2.46
C TYR C 126 -5.46 14.19 -3.00
N SER C 127 -4.88 13.12 -2.46
CA SER C 127 -3.56 12.67 -2.88
C SER C 127 -3.58 12.07 -4.28
N ALA C 128 -2.59 12.46 -5.08
CA ALA C 128 -2.40 11.95 -6.43
C ALA C 128 -2.06 10.44 -6.46
N PHE C 129 -1.62 9.91 -5.31
CA PHE C 129 -1.23 8.50 -5.21
C PHE C 129 -2.39 7.58 -4.84
N SER C 130 -3.41 8.13 -4.18
CA SER C 130 -4.44 7.31 -3.54
C SER C 130 -5.40 6.68 -4.55
N GLY C 131 -5.35 5.35 -4.65
CA GLY C 131 -6.19 4.61 -5.59
C GLY C 131 -5.83 4.81 -7.06
N THR C 132 -4.62 5.31 -7.31
CA THR C 132 -4.10 5.49 -8.67
C THR C 132 -2.92 4.56 -8.91
N ASP C 133 -2.35 4.62 -10.11
CA ASP C 133 -1.14 3.85 -10.40
C ASP C 133 0.10 4.73 -10.52
N LEU C 134 0.06 5.90 -9.87
CA LEU C 134 1.16 6.86 -9.94
C LEU C 134 2.48 6.26 -9.47
N ASP C 135 2.48 5.66 -8.27
CA ASP C 135 3.68 5.03 -7.73
C ASP C 135 4.23 3.97 -8.69
N ILE C 136 3.34 3.13 -9.23
CA ILE C 136 3.74 2.12 -10.22
C ILE C 136 4.41 2.73 -11.45
N ARG C 137 3.81 3.77 -12.01
CA ARG C 137 4.37 4.44 -13.21
C ARG C 137 5.73 5.06 -12.93
N LEU C 138 5.88 5.66 -11.74
CA LEU C 138 7.15 6.25 -11.34
C LEU C 138 8.25 5.21 -11.14
N ARG C 139 7.87 4.08 -10.52
CA ARG C 139 8.79 2.97 -10.27
CA ARG C 139 8.82 2.99 -10.28
C ARG C 139 9.24 2.28 -11.56
N GLU C 140 8.33 2.19 -12.53
CA GLU C 140 8.66 1.62 -13.86
C GLU C 140 9.82 2.39 -14.49
N ARG C 141 9.83 3.71 -14.23
CA ARG C 141 10.77 4.64 -14.83
C ARG C 141 11.96 4.96 -13.94
N ARG C 142 12.01 4.30 -12.78
CA ARG C 142 13.06 4.49 -11.77
C ARG C 142 13.22 5.97 -11.38
N VAL C 143 12.09 6.65 -11.26
CA VAL C 143 12.08 8.04 -10.83
C VAL C 143 12.32 8.08 -9.33
N SER C 144 13.26 8.91 -8.89
CA SER C 144 13.55 9.04 -7.47
C SER C 144 13.08 10.38 -6.89
N THR C 145 12.80 11.35 -7.77
CA THR C 145 12.42 12.69 -7.34
C THR C 145 11.15 13.18 -8.02
N VAL C 146 10.17 13.61 -7.21
CA VAL C 146 8.97 14.25 -7.74
C VAL C 146 9.01 15.76 -7.50
N ILE C 147 8.53 16.51 -8.49
CA ILE C 147 8.42 17.96 -8.42
C ILE C 147 6.93 18.29 -8.39
N LEU C 148 6.48 18.93 -7.31
CA LEU C 148 5.04 19.17 -7.12
C LEU C 148 4.61 20.59 -7.48
N THR C 149 3.50 20.67 -8.21
CA THR C 149 2.86 21.93 -8.60
C THR C 149 1.35 21.79 -8.51
N GLY C 150 0.66 22.91 -8.37
CA GLY C 150 -0.79 22.91 -8.43
C GLY C 150 -1.48 23.43 -7.19
N VAL C 151 -2.72 22.99 -6.99
CA VAL C 151 -3.59 23.48 -5.93
C VAL C 151 -4.34 22.31 -5.26
N LEU C 152 -4.78 22.46 -4.02
CA LEU C 152 -4.43 23.57 -3.13
C LEU C 152 -3.21 23.16 -2.31
N THR C 153 -2.36 24.12 -1.97
CA THR C 153 -1.10 23.83 -1.25
C THR C 153 -1.32 22.94 -0.02
N ASP C 154 -2.35 23.29 0.76
CA ASP C 154 -2.61 22.67 2.05
C ASP C 154 -3.54 21.46 1.98
N ILE C 155 -4.01 21.09 0.79
CA ILE C 155 -4.91 19.94 0.65
C ILE C 155 -4.38 18.94 -0.37
C JJJ C 156 -2.64 18.03 -2.83
N JJJ C 156 -4.56 19.00 -1.70
O JJJ C 156 -2.03 16.97 -2.89
N1 JJJ C 156 -10.95 18.27 -3.86
C2 JJJ C 156 -9.62 18.33 -4.08
C3 JJJ C 156 -8.83 19.26 -3.43
C4 JJJ C 156 -9.41 20.16 -2.52
C5 JJJ C 156 -10.78 20.08 -2.30
C6 JJJ C 156 -11.52 19.12 -2.99
C7 JJJ C 156 -7.35 19.31 -3.66
O7 JJJ C 156 -6.75 20.37 -3.70
CA JJJ C 156 -4.15 17.98 -2.66
CB JJJ C 156 -4.81 18.20 -4.01
SG JJJ C 156 -6.54 17.86 -3.87
N VAL C 157 -1.95 19.16 -2.69
CA VAL C 157 -0.45 19.18 -2.74
C VAL C 157 0.14 18.56 -1.47
N LEU C 158 -0.42 18.93 -0.31
CA LEU C 158 0.03 18.41 0.98
C LEU C 158 -0.12 16.88 1.09
N HIS C 159 -1.31 16.37 0.77
CA HIS C 159 -1.56 14.92 0.78
C HIS C 159 -0.65 14.15 -0.17
N THR C 160 -0.43 14.72 -1.36
CA THR C 160 0.44 14.12 -2.37
C THR C 160 1.89 14.12 -1.87
N ALA C 161 2.31 15.22 -1.25
CA ALA C 161 3.67 15.33 -0.70
C ALA C 161 3.90 14.33 0.41
N ILE C 162 2.92 14.18 1.30
CA ILE C 162 3.02 13.25 2.40
C ILE C 162 3.11 11.81 1.89
N ASP C 163 2.26 11.47 0.92
CA ASP C 163 2.31 10.13 0.31
C ASP C 163 3.67 9.87 -0.36
N ALA C 164 4.18 10.87 -1.09
CA ALA C 164 5.49 10.76 -1.75
C ALA C 164 6.61 10.51 -0.73
N TYR C 165 6.55 11.26 0.37
CA TYR C 165 7.51 11.09 1.46
C TYR C 165 7.51 9.65 1.99
N ASN C 166 6.33 9.13 2.32
CA ASN C 166 6.20 7.79 2.85
C ASN C 166 6.61 6.70 1.85
N LEU C 167 6.54 7.04 0.56
CA LEU C 167 6.97 6.15 -0.51
C LEU C 167 8.45 6.36 -0.91
N GLY C 168 9.16 7.16 -0.12
CA GLY C 168 10.62 7.31 -0.27
C GLY C 168 11.11 8.16 -1.42
N TYR C 169 10.25 9.00 -1.97
CA TYR C 169 10.67 9.92 -3.04
C TYR C 169 11.32 11.15 -2.44
N ASP C 170 12.36 11.65 -3.12
CA ASP C 170 12.84 13.00 -2.87
C ASP C 170 11.79 13.95 -3.41
N ILE C 171 11.62 15.10 -2.75
CA ILE C 171 10.54 16.02 -3.10
C ILE C 171 11.04 17.42 -3.42
N GLU C 172 10.56 17.95 -4.54
CA GLU C 172 10.72 19.38 -4.85
C GLU C 172 9.35 20.05 -4.91
N ILE C 173 9.25 21.24 -4.32
CA ILE C 173 8.03 22.02 -4.34
C ILE C 173 8.30 23.30 -5.13
N VAL C 174 7.54 23.53 -6.19
CA VAL C 174 7.67 24.78 -6.94
C VAL C 174 6.83 25.86 -6.25
N LYS C 175 7.50 26.62 -5.38
CA LYS C 175 6.82 27.62 -4.54
C LYS C 175 5.90 28.59 -5.33
N PRO C 176 6.41 29.21 -6.41
CA PRO C 176 5.52 30.12 -7.15
C PRO C 176 4.48 29.41 -8.03
N ALA C 177 4.49 28.07 -8.04
CA ALA C 177 3.53 27.29 -8.83
C ALA C 177 2.62 26.41 -7.95
N VAL C 178 2.44 26.81 -6.69
CA VAL C 178 1.43 26.23 -5.81
C VAL C 178 0.67 27.38 -5.14
N ALA C 179 -0.61 27.15 -4.83
CA ALA C 179 -1.44 28.18 -4.21
C ALA C 179 -2.54 27.60 -3.34
N SER C 180 -2.96 28.37 -2.33
CA SER C 180 -4.10 28.03 -1.50
C SER C 180 -5.04 29.22 -1.40
N ILE C 181 -6.28 28.97 -0.98
CA ILE C 181 -7.27 30.03 -0.71
C ILE C 181 -6.79 30.98 0.38
N TRP C 182 -6.19 30.42 1.44
CA TRP C 182 -5.77 31.20 2.61
C TRP C 182 -4.25 31.22 2.74
N PRO C 183 -3.66 32.43 2.83
CA PRO C 183 -2.20 32.58 2.91
C PRO C 183 -1.57 31.84 4.10
N GLU C 184 -2.26 31.82 5.25
CA GLU C 184 -1.78 31.12 6.44
C GLU C 184 -1.68 29.60 6.24
N ASN C 185 -2.63 29.04 5.49
CA ASN C 185 -2.60 27.62 5.13
C ASN C 185 -1.50 27.32 4.13
N HIS C 186 -1.34 28.22 3.16
CA HIS C 186 -0.25 28.14 2.19
C HIS C 186 1.10 28.17 2.92
N GLN C 187 1.23 29.06 3.91
CA GLN C 187 2.46 29.16 4.71
C GLN C 187 2.71 27.95 5.60
N PHE C 188 1.65 27.41 6.23
CA PHE C 188 1.80 26.19 7.01
C PHE C 188 2.38 25.07 6.15
N ALA C 189 1.76 24.87 4.98
CA ALA C 189 2.13 23.77 4.09
C ALA C 189 3.56 23.88 3.63
N LEU C 190 3.97 25.07 3.20
CA LEU C 190 5.35 25.30 2.75
C LEU C 190 6.35 24.97 3.84
N GLY C 191 6.05 25.40 5.07
CA GLY C 191 6.88 25.09 6.23
C GLY C 191 6.97 23.60 6.48
N HIS C 192 5.82 22.93 6.38
CA HIS C 192 5.74 21.48 6.56
C HIS C 192 6.60 20.74 5.54
N PHE C 193 6.53 21.15 4.27
CA PHE C 193 7.33 20.56 3.19
C PHE C 193 8.82 20.62 3.50
N LYS C 194 9.29 21.80 3.87
CA LYS C 194 10.72 22.05 4.12
C LYS C 194 11.22 21.35 5.38
N ASN C 195 10.50 21.56 6.49
CA ASN C 195 10.97 21.18 7.82
C ASN C 195 10.66 19.74 8.25
N THR C 196 9.55 19.21 7.75
CA THR C 196 9.10 17.88 8.14
C THR C 196 9.34 16.84 7.05
N LEU C 197 9.12 17.21 5.80
CA LEU C 197 9.31 16.28 4.68
C LEU C 197 10.69 16.41 4.04
N GLY C 198 11.44 17.44 4.42
CA GLY C 198 12.77 17.68 3.84
C GLY C 198 12.76 18.01 2.36
N ALA C 199 11.67 18.63 1.91
CA ALA C 199 11.53 19.02 0.52
C ALA C 199 12.40 20.21 0.17
N LYS C 200 12.87 20.23 -1.08
CA LYS C 200 13.59 21.36 -1.64
C LYS C 200 12.56 22.30 -2.25
N LEU C 201 12.60 23.57 -1.85
CA LEU C 201 11.73 24.57 -2.44
C LEU C 201 12.43 25.20 -3.64
N VAL C 202 11.76 25.18 -4.79
CA VAL C 202 12.34 25.69 -6.04
C VAL C 202 11.46 26.78 -6.69
N ASP C 203 12.06 27.61 -7.53
CA ASP C 203 11.31 28.62 -8.29
C ASP C 203 10.89 28.06 -9.66
N GLU C 204 10.29 28.91 -10.49
CA GLU C 204 9.78 28.49 -11.81
C GLU C 204 10.85 28.06 -12.81
N ASN C 205 12.12 28.34 -12.50
CA ASN C 205 13.25 27.91 -13.32
C ASN C 205 13.88 26.63 -12.76
N LEU C 206 13.20 26.01 -11.80
CA LEU C 206 13.65 24.80 -11.10
C LEU C 206 14.98 24.97 -10.36
N ASN C 207 15.25 26.21 -9.95
CA ASN C 207 16.41 26.54 -9.12
C ASN C 207 15.99 26.65 -7.67
N GLU C 208 16.79 26.10 -6.77
CA GLU C 208 16.50 26.10 -5.35
C GLU C 208 16.41 27.53 -4.79
N LEU C 209 15.47 27.73 -3.87
CA LEU C 209 15.27 29.02 -3.23
C LEU C 209 15.94 29.07 -1.86
N PHE C 210 16.57 30.21 -1.58
CA PHE C 210 17.23 30.45 -0.30
C PHE C 210 16.71 31.74 0.31
N THR D 22 -24.06 -8.04 2.38
CA THR D 22 -23.76 -7.52 1.01
C THR D 22 -22.29 -7.73 0.67
N LYS D 23 -22.05 -8.41 -0.46
CA LYS D 23 -20.71 -8.78 -0.89
C LYS D 23 -20.35 -8.13 -2.21
N ALA D 24 -19.15 -8.41 -2.71
CA ALA D 24 -18.70 -7.88 -3.98
C ALA D 24 -18.21 -8.99 -4.89
N LEU D 25 -18.74 -9.04 -6.11
CA LEU D 25 -18.26 -9.98 -7.11
C LEU D 25 -17.26 -9.30 -8.03
N ILE D 26 -16.09 -9.93 -8.17
CA ILE D 26 -15.03 -9.40 -9.03
C ILE D 26 -14.97 -10.25 -10.30
N SER D 27 -15.14 -9.59 -11.45
CA SER D 27 -15.12 -10.26 -12.74
C SER D 27 -13.80 -9.95 -13.44
N ILE D 28 -12.94 -10.96 -13.52
CA ILE D 28 -11.55 -10.76 -13.93
C ILE D 28 -11.27 -11.20 -15.38
N ASP D 29 -11.04 -10.20 -16.23
CA ASP D 29 -10.48 -10.38 -17.58
C ASP D 29 -11.22 -11.31 -18.53
N TYR D 30 -12.52 -11.50 -18.34
CA TYR D 30 -13.28 -12.40 -19.19
C TYR D 30 -13.68 -11.72 -20.50
N THR D 31 -12.67 -11.45 -21.33
CA THR D 31 -12.83 -10.66 -22.55
C THR D 31 -12.52 -11.48 -23.80
N GLU D 32 -12.88 -10.94 -24.97
CA GLU D 32 -12.63 -11.57 -26.26
C GLU D 32 -11.20 -12.08 -26.41
N ASP D 33 -10.22 -11.23 -26.09
CA ASP D 33 -8.80 -11.57 -26.20
C ASP D 33 -8.35 -12.75 -25.32
N PHE D 34 -9.05 -12.98 -24.22
CA PHE D 34 -8.74 -14.10 -23.32
C PHE D 34 -9.57 -15.35 -23.59
N VAL D 35 -10.73 -15.18 -24.22
CA VAL D 35 -11.71 -16.27 -24.32
C VAL D 35 -11.98 -16.77 -25.75
N ALA D 36 -12.19 -15.85 -26.69
CA ALA D 36 -12.55 -16.21 -28.07
C ALA D 36 -11.43 -16.99 -28.78
N ASP D 37 -11.81 -17.84 -29.73
CA ASP D 37 -10.86 -18.68 -30.47
C ASP D 37 -9.73 -17.88 -31.12
N SER D 38 -10.05 -16.66 -31.56
CA SER D 38 -9.09 -15.78 -32.22
C SER D 38 -8.57 -14.66 -31.32
N GLY D 39 -8.78 -14.78 -30.02
CA GLY D 39 -8.27 -13.82 -29.04
C GLY D 39 -6.76 -13.83 -29.01
N LYS D 40 -6.16 -12.65 -28.83
CA LYS D 40 -4.71 -12.47 -28.88
C LYS D 40 -3.95 -13.23 -27.79
N LEU D 41 -4.62 -13.51 -26.68
CA LEU D 41 -4.03 -14.27 -25.57
C LEU D 41 -5.02 -15.33 -25.07
N THR D 42 -5.71 -15.96 -26.02
CA THR D 42 -6.83 -16.85 -25.71
C THR D 42 -6.45 -18.05 -24.84
N ALA D 43 -7.32 -18.35 -23.88
CA ALA D 43 -7.19 -19.57 -23.08
C ALA D 43 -7.91 -20.72 -23.78
N GLY D 44 -8.70 -20.38 -24.79
CA GLY D 44 -9.36 -21.36 -25.65
C GLY D 44 -10.52 -22.09 -25.01
N ALA D 45 -10.56 -23.41 -25.24
CA ALA D 45 -11.69 -24.24 -24.82
C ALA D 45 -12.08 -24.14 -23.33
N PRO D 46 -11.10 -24.28 -22.40
CA PRO D 46 -11.48 -24.19 -20.98
C PRO D 46 -12.06 -22.85 -20.55
N ALA D 47 -11.58 -21.74 -21.14
CA ALA D 47 -12.14 -20.42 -20.85
C ALA D 47 -13.55 -20.28 -21.42
N GLN D 48 -13.74 -20.78 -22.64
CA GLN D 48 -15.07 -20.82 -23.26
C GLN D 48 -16.05 -21.70 -22.47
N ALA D 49 -15.53 -22.73 -21.82
CA ALA D 49 -16.37 -23.70 -21.09
C ALA D 49 -17.08 -23.10 -19.86
N ILE D 50 -16.57 -22.00 -19.32
CA ILE D 50 -17.16 -21.39 -18.12
C ILE D 50 -18.15 -20.25 -18.43
N SER D 51 -18.38 -19.99 -19.71
CA SER D 51 -19.24 -18.88 -20.16
C SER D 51 -20.64 -18.84 -19.54
N ASP D 52 -21.35 -19.99 -19.58
CA ASP D 52 -22.66 -20.10 -18.95
C ASP D 52 -22.58 -19.83 -17.46
N ALA D 53 -21.64 -20.51 -16.79
CA ALA D 53 -21.48 -20.40 -15.34
C ALA D 53 -21.10 -19.00 -14.87
N ILE D 54 -20.16 -18.35 -15.58
CA ILE D 54 -19.69 -17.02 -15.19
C ILE D 54 -20.79 -15.96 -15.30
N SER D 55 -21.61 -16.04 -16.34
CA SER D 55 -22.70 -15.10 -16.53
C SER D 55 -23.88 -15.39 -15.59
N LYS D 56 -24.11 -16.67 -15.30
CA LYS D 56 -25.18 -17.08 -14.38
C LYS D 56 -24.91 -16.54 -12.97
N VAL D 57 -23.69 -16.74 -12.48
CA VAL D 57 -23.31 -16.33 -11.14
C VAL D 57 -23.22 -14.81 -10.99
N THR D 58 -22.88 -14.11 -12.08
CA THR D 58 -22.80 -12.65 -12.08
C THR D 58 -24.20 -12.03 -11.98
N ARG D 59 -25.10 -12.53 -12.82
CA ARG D 59 -26.51 -12.12 -12.77
C ARG D 59 -27.14 -12.43 -11.41
N LEU D 60 -26.82 -13.60 -10.87
CA LEU D 60 -27.31 -14.00 -9.56
C LEU D 60 -26.84 -13.08 -8.43
N ALA D 61 -25.54 -12.76 -8.43
CA ALA D 61 -24.97 -11.86 -7.43
C ALA D 61 -25.57 -10.46 -7.56
N PHE D 62 -25.77 -10.02 -8.80
CA PHE D 62 -26.41 -8.73 -9.07
C PHE D 62 -27.86 -8.70 -8.59
N GLU D 63 -28.59 -9.80 -8.82
CA GLU D 63 -29.98 -9.94 -8.39
C GLU D 63 -30.17 -9.77 -6.88
N ARG D 64 -29.22 -10.32 -6.11
N ARG D 64 -29.22 -10.32 -6.11
CA ARG D 64 -29.28 -10.28 -4.65
CA ARG D 64 -29.29 -10.29 -4.65
C ARG D 64 -28.57 -9.09 -4.03
C ARG D 64 -28.91 -8.93 -4.06
N GLY D 65 -28.27 -8.09 -4.87
CA GLY D 65 -27.80 -6.78 -4.38
C GLY D 65 -26.30 -6.60 -4.21
N ASP D 66 -25.51 -7.58 -4.67
CA ASP D 66 -24.05 -7.50 -4.55
C ASP D 66 -23.47 -6.46 -5.51
N TYR D 67 -22.28 -5.95 -5.19
CA TYR D 67 -21.55 -5.05 -6.08
C TYR D 67 -20.78 -5.86 -7.11
N ILE D 68 -20.74 -5.34 -8.35
CA ILE D 68 -20.08 -6.03 -9.45
C ILE D 68 -18.92 -5.19 -9.97
N PHE D 69 -17.72 -5.74 -9.89
CA PHE D 69 -16.52 -5.05 -10.37
C PHE D 69 -15.89 -5.80 -11.53
N PHE D 70 -15.98 -5.24 -12.73
CA PHE D 70 -15.28 -5.78 -13.88
C PHE D 70 -13.89 -5.18 -13.89
N THR D 71 -12.88 -6.02 -13.66
CA THR D 71 -11.50 -5.56 -13.58
C THR D 71 -10.75 -6.08 -14.80
N ILE D 72 -10.49 -5.17 -15.73
CA ILE D 72 -10.08 -5.56 -17.08
C ILE D 72 -8.72 -4.99 -17.49
N ASP D 73 -7.83 -5.88 -17.91
CA ASP D 73 -6.56 -5.51 -18.56
C ASP D 73 -6.76 -4.37 -19.55
N ALA D 74 -5.95 -3.33 -19.40
CA ALA D 74 -5.94 -2.19 -20.32
C ALA D 74 -4.50 -1.89 -20.72
N HIS D 75 -4.06 -2.53 -21.79
CA HIS D 75 -2.66 -2.43 -22.21
C HIS D 75 -2.47 -1.49 -23.40
N GLU D 76 -1.24 -1.02 -23.58
CA GLU D 76 -0.86 -0.22 -24.75
C GLU D 76 0.28 -0.90 -25.51
N ASP D 79 4.11 0.12 -24.86
CA ASP D 79 4.42 0.34 -23.45
C ASP D 79 5.68 -0.44 -23.07
N CYS D 80 6.84 0.15 -23.37
CA CYS D 80 8.13 -0.49 -23.12
C CYS D 80 8.55 -0.48 -21.63
N PHE D 81 7.86 0.32 -20.83
CA PHE D 81 8.14 0.41 -19.39
C PHE D 81 7.39 -0.64 -18.55
N HIS D 82 6.41 -1.29 -19.17
CA HIS D 82 5.68 -2.38 -18.52
C HIS D 82 6.47 -3.68 -18.71
N PRO D 83 6.87 -4.34 -17.61
CA PRO D 83 7.61 -5.61 -17.72
C PRO D 83 6.80 -6.74 -18.36
N GLU D 84 5.47 -6.62 -18.35
CA GLU D 84 4.58 -7.63 -18.95
C GLU D 84 4.68 -7.69 -20.47
N SER D 85 5.14 -6.59 -21.10
CA SER D 85 5.32 -6.53 -22.55
C SER D 85 6.27 -7.60 -23.09
N LYS D 86 7.28 -7.94 -22.29
CA LYS D 86 8.26 -8.96 -22.64
C LYS D 86 7.74 -10.39 -22.47
N LEU D 87 6.68 -10.53 -21.67
CA LEU D 87 6.22 -11.87 -21.24
C LEU D 87 5.05 -12.43 -22.04
N PHE D 88 4.25 -11.54 -22.64
CA PHE D 88 3.09 -11.94 -23.44
C PHE D 88 2.95 -11.04 -24.67
N PRO D 89 2.43 -11.59 -25.78
CA PRO D 89 2.12 -10.77 -26.96
C PRO D 89 1.05 -9.73 -26.61
N PRO D 90 0.98 -8.63 -27.40
CA PRO D 90 -0.03 -7.59 -27.16
C PRO D 90 -1.43 -8.18 -27.01
N HIS D 91 -2.11 -7.78 -25.95
CA HIS D 91 -3.46 -8.28 -25.64
C HIS D 91 -4.25 -7.20 -24.91
N ASN D 92 -5.57 -7.22 -25.06
CA ASN D 92 -6.46 -6.25 -24.42
C ASN D 92 -6.03 -4.79 -24.61
N LEU D 93 -5.75 -4.43 -25.85
CA LEU D 93 -5.34 -3.07 -26.20
C LEU D 93 -6.53 -2.11 -26.15
N ILE D 94 -6.29 -0.90 -25.65
CA ILE D 94 -7.34 0.12 -25.50
C ILE D 94 -7.96 0.49 -26.84
N GLY D 95 -9.30 0.53 -26.86
CA GLY D 95 -10.06 0.91 -28.05
C GLY D 95 -10.27 -0.21 -29.06
N THR D 96 -9.83 -1.41 -28.70
CA THR D 96 -10.01 -2.59 -29.55
C THR D 96 -11.15 -3.46 -29.02
N SER D 97 -11.74 -4.25 -29.92
CA SER D 97 -12.82 -5.17 -29.55
C SER D 97 -12.32 -6.32 -28.68
N GLY D 98 -11.00 -6.46 -28.57
CA GLY D 98 -10.38 -7.46 -27.70
C GLY D 98 -10.68 -7.27 -26.23
N ARG D 99 -11.02 -6.04 -25.84
CA ARG D 99 -11.34 -5.69 -24.45
C ARG D 99 -12.83 -5.86 -24.13
N ASN D 100 -13.63 -6.19 -25.14
CA ASN D 100 -15.06 -6.43 -24.96
C ASN D 100 -15.30 -7.73 -24.20
N LEU D 101 -16.22 -7.69 -23.24
CA LEU D 101 -16.56 -8.87 -22.44
C LEU D 101 -17.17 -9.97 -23.31
N TYR D 102 -16.82 -11.21 -23.00
CA TYR D 102 -17.25 -12.36 -23.81
C TYR D 102 -18.61 -12.90 -23.40
N GLY D 103 -19.41 -13.26 -24.41
CA GLY D 103 -20.69 -13.96 -24.20
C GLY D 103 -21.77 -13.14 -23.53
N ASP D 104 -22.59 -13.81 -22.73
CA ASP D 104 -23.70 -13.18 -22.00
C ASP D 104 -23.22 -12.18 -20.94
N LEU D 105 -21.96 -12.31 -20.53
CA LEU D 105 -21.36 -11.37 -19.58
C LEU D 105 -21.30 -9.96 -20.17
N GLY D 106 -20.96 -9.88 -21.46
CA GLY D 106 -21.00 -8.62 -22.21
C GLY D 106 -22.41 -8.06 -22.33
N ILE D 107 -23.37 -8.96 -22.50
CA ILE D 107 -24.79 -8.60 -22.56
C ILE D 107 -25.25 -8.02 -21.22
N PHE D 108 -24.87 -8.69 -20.13
CA PHE D 108 -25.18 -8.21 -18.77
C PHE D 108 -24.62 -6.80 -18.53
N TYR D 109 -23.38 -6.57 -18.98
CA TYR D 109 -22.77 -5.25 -18.83
C TYR D 109 -23.48 -4.20 -19.68
N GLN D 110 -23.93 -4.60 -20.88
CA GLN D 110 -24.70 -3.72 -21.76
C GLN D 110 -26.02 -3.31 -21.11
N GLU D 111 -26.62 -4.24 -20.37
CA GLU D 111 -27.88 -4.00 -19.67
C GLU D 111 -27.72 -3.21 -18.37
N HIS D 112 -26.69 -3.52 -17.59
CA HIS D 112 -26.58 -3.02 -16.22
C HIS D 112 -25.29 -2.28 -15.85
N GLY D 113 -24.45 -1.99 -16.84
CA GLY D 113 -23.18 -1.27 -16.61
C GLY D 113 -23.33 0.10 -15.99
N SER D 114 -24.50 0.71 -16.17
CA SER D 114 -24.78 2.06 -15.67
C SER D 114 -25.44 2.06 -14.29
N ASP D 115 -25.81 0.88 -13.79
CA ASP D 115 -26.33 0.74 -12.42
C ASP D 115 -25.24 1.14 -11.44
N SER D 116 -25.63 1.83 -10.36
CA SER D 116 -24.68 2.38 -9.40
C SER D 116 -23.80 1.33 -8.71
N ARG D 117 -24.27 0.07 -8.69
CA ARG D 117 -23.54 -1.02 -8.04
C ARG D 117 -22.63 -1.81 -9.00
N VAL D 118 -22.62 -1.44 -10.27
CA VAL D 118 -21.78 -2.09 -11.27
C VAL D 118 -20.65 -1.16 -11.71
N PHE D 119 -19.43 -1.70 -11.79
CA PHE D 119 -18.24 -0.90 -12.07
C PHE D 119 -17.36 -1.50 -13.17
N TRP D 120 -16.68 -0.61 -13.90
CA TRP D 120 -15.63 -1.01 -14.84
C TRP D 120 -14.30 -0.41 -14.41
N MET D 121 -13.31 -1.27 -14.15
CA MET D 121 -11.99 -0.83 -13.73
C MET D 121 -10.91 -1.31 -14.70
N ASP D 122 -10.14 -0.36 -15.21
CA ASP D 122 -8.98 -0.67 -16.03
C ASP D 122 -7.81 -1.04 -15.11
N LYS D 123 -7.08 -2.08 -15.48
CA LYS D 123 -5.90 -2.49 -14.72
C LYS D 123 -4.72 -2.79 -15.63
N ARG D 124 -3.50 -2.69 -15.08
CA ARG D 124 -2.28 -2.90 -15.85
C ARG D 124 -1.46 -4.07 -15.35
N HIS D 125 -1.64 -4.41 -14.07
CA HIS D 125 -1.00 -5.59 -13.50
C HIS D 125 -2.03 -6.73 -13.48
N TYR D 126 -1.60 -7.91 -13.05
CA TYR D 126 -2.50 -9.06 -13.02
C TYR D 126 -3.56 -8.91 -11.94
N SER D 127 -3.13 -8.53 -10.74
CA SER D 127 -4.03 -8.30 -9.61
C SER D 127 -4.99 -7.16 -9.88
N ALA D 128 -6.26 -7.40 -9.54
CA ALA D 128 -7.31 -6.40 -9.67
C ALA D 128 -7.13 -5.19 -8.75
N PHE D 129 -6.30 -5.35 -7.72
CA PHE D 129 -6.04 -4.31 -6.72
C PHE D 129 -4.86 -3.40 -7.05
N SER D 130 -3.92 -3.89 -7.85
CA SER D 130 -2.66 -3.19 -8.07
C SER D 130 -2.82 -1.95 -8.95
N GLY D 131 -2.58 -0.78 -8.35
CA GLY D 131 -2.71 0.50 -9.05
C GLY D 131 -4.13 0.93 -9.39
N THR D 132 -5.11 0.29 -8.76
CA THR D 132 -6.52 0.62 -8.97
C THR D 132 -7.11 1.17 -7.66
N ASP D 133 -8.38 1.56 -7.71
CA ASP D 133 -9.06 1.98 -6.48
C ASP D 133 -10.07 0.95 -5.98
N LEU D 134 -9.81 -0.32 -6.26
CA LEU D 134 -10.70 -1.41 -5.82
C LEU D 134 -10.87 -1.45 -4.31
N ASP D 135 -9.76 -1.49 -3.58
CA ASP D 135 -9.80 -1.52 -2.11
C ASP D 135 -10.56 -0.31 -1.56
N ILE D 136 -10.27 0.87 -2.09
CA ILE D 136 -11.01 2.09 -1.71
C ILE D 136 -12.52 1.94 -1.90
N ARG D 137 -12.94 1.48 -3.09
CA ARG D 137 -14.37 1.34 -3.40
C ARG D 137 -15.05 0.30 -2.50
N LEU D 138 -14.35 -0.80 -2.24
CA LEU D 138 -14.86 -1.84 -1.35
C LEU D 138 -15.01 -1.34 0.08
N ARG D 139 -14.02 -0.57 0.55
CA ARG D 139 -14.02 -0.02 1.91
CA ARG D 139 -14.05 -0.06 1.92
C ARG D 139 -15.08 1.06 2.10
N GLU D 140 -15.34 1.83 1.04
CA GLU D 140 -16.42 2.84 1.04
C GLU D 140 -17.77 2.18 1.36
N ARG D 141 -17.96 1.00 0.76
CA ARG D 141 -19.20 0.24 0.89
C ARG D 141 -19.19 -0.73 2.06
N ARG D 142 -18.10 -0.74 2.83
CA ARG D 142 -17.89 -1.64 3.96
C ARG D 142 -18.07 -3.11 3.59
N VAL D 143 -17.53 -3.50 2.43
CA VAL D 143 -17.58 -4.88 1.95
C VAL D 143 -16.55 -5.72 2.70
N SER D 144 -16.99 -6.88 3.18
CA SER D 144 -16.11 -7.78 3.92
C SER D 144 -15.70 -9.01 3.08
N THR D 145 -16.49 -9.31 2.06
CA THR D 145 -16.29 -10.53 1.27
C THR D 145 -16.22 -10.24 -0.24
N VAL D 146 -15.18 -10.75 -0.88
CA VAL D 146 -15.11 -10.72 -2.34
C VAL D 146 -15.34 -12.12 -2.92
N ILE D 147 -16.06 -12.14 -4.03
CA ILE D 147 -16.35 -13.37 -4.77
C ILE D 147 -15.62 -13.26 -6.11
N LEU D 148 -14.68 -14.17 -6.35
CA LEU D 148 -13.82 -14.07 -7.54
C LEU D 148 -14.26 -14.99 -8.68
N THR D 149 -14.35 -14.39 -9.88
CA THR D 149 -14.64 -15.11 -11.11
C THR D 149 -13.65 -14.64 -12.18
N GLY D 150 -13.47 -15.45 -13.22
CA GLY D 150 -12.72 -15.01 -14.39
C GLY D 150 -11.49 -15.82 -14.74
N VAL D 151 -10.56 -15.19 -15.44
CA VAL D 151 -9.38 -15.86 -15.96
C VAL D 151 -8.12 -15.01 -15.74
N LEU D 152 -6.94 -15.62 -15.66
CA LEU D 152 -6.77 -17.06 -15.55
C LEU D 152 -6.60 -17.41 -14.08
N THR D 153 -7.07 -18.61 -13.68
CA THR D 153 -7.05 -19.03 -12.28
C THR D 153 -5.70 -18.83 -11.59
N ASP D 154 -4.63 -19.18 -12.30
CA ASP D 154 -3.29 -19.22 -11.74
C ASP D 154 -2.49 -17.93 -11.94
N ILE D 155 -3.09 -16.95 -12.61
CA ILE D 155 -2.41 -15.67 -12.84
C ILE D 155 -3.23 -14.52 -12.27
C JJJ D 156 -5.93 -13.02 -11.40
N JJJ D 156 -4.21 -13.84 -12.90
O JJJ D 156 -6.10 -12.21 -10.51
N1 JJJ D 156 -2.47 -10.43 -18.58
C2 JJJ D 156 -3.36 -10.74 -17.62
C3 JJJ D 156 -3.51 -12.06 -17.21
C4 JJJ D 156 -2.72 -13.07 -17.79
C5 JJJ D 156 -1.80 -12.71 -18.77
C6 JJJ D 156 -1.70 -11.37 -19.16
C7 JJJ D 156 -4.48 -12.42 -16.13
O7 JJJ D 156 -5.10 -13.48 -16.18
CA JJJ D 156 -4.97 -12.67 -12.51
CB JJJ D 156 -5.78 -12.12 -13.68
SG JJJ D 156 -4.71 -11.36 -14.86
N VAL D 157 -6.47 -14.24 -11.35
CA VAL D 157 -7.34 -14.66 -10.21
C VAL D 157 -6.50 -14.94 -8.96
N LEU D 158 -5.37 -15.63 -9.14
CA LEU D 158 -4.44 -15.93 -8.04
C LEU D 158 -3.85 -14.67 -7.42
N HIS D 159 -3.41 -13.73 -8.25
CA HIS D 159 -2.84 -12.46 -7.76
C HIS D 159 -3.87 -11.62 -7.02
N THR D 160 -5.08 -11.57 -7.58
CA THR D 160 -6.18 -10.84 -6.96
C THR D 160 -6.55 -11.44 -5.61
N ALA D 161 -6.63 -12.78 -5.56
CA ALA D 161 -6.95 -13.50 -4.34
C ALA D 161 -5.94 -13.24 -3.24
N ILE D 162 -4.66 -13.25 -3.62
CA ILE D 162 -3.57 -13.02 -2.66
C ILE D 162 -3.60 -11.59 -2.13
N ASP D 163 -3.83 -10.62 -3.02
CA ASP D 163 -3.98 -9.23 -2.59
C ASP D 163 -5.18 -9.07 -1.64
N ALA D 164 -6.31 -9.67 -2.02
CA ALA D 164 -7.52 -9.66 -1.18
C ALA D 164 -7.25 -10.24 0.22
N TYR D 165 -6.53 -11.36 0.27
CA TYR D 165 -6.15 -11.99 1.54
C TYR D 165 -5.33 -11.04 2.41
N ASN D 166 -4.30 -10.44 1.83
CA ASN D 166 -3.43 -9.52 2.56
C ASN D 166 -4.17 -8.26 3.01
N LEU D 167 -5.24 -7.92 2.30
CA LEU D 167 -6.08 -6.77 2.64
C LEU D 167 -7.24 -7.14 3.57
N GLY D 168 -7.21 -8.35 4.11
CA GLY D 168 -8.17 -8.78 5.13
C GLY D 168 -9.59 -9.08 4.68
N TYR D 169 -9.78 -9.36 3.39
CA TYR D 169 -11.10 -9.75 2.90
C TYR D 169 -11.30 -11.24 3.06
N ASP D 170 -12.55 -11.63 3.34
CA ASP D 170 -12.99 -13.00 3.17
C ASP D 170 -13.12 -13.27 1.69
N ILE D 171 -12.74 -14.46 1.26
CA ILE D 171 -12.68 -14.76 -0.16
C ILE D 171 -13.61 -15.92 -0.53
N GLU D 172 -14.37 -15.73 -1.60
CA GLU D 172 -15.08 -16.84 -2.23
C GLU D 172 -14.60 -17.00 -3.66
N ILE D 173 -14.41 -18.25 -4.07
CA ILE D 173 -14.00 -18.56 -5.43
C ILE D 173 -15.10 -19.38 -6.09
N VAL D 174 -15.66 -18.86 -7.18
CA VAL D 174 -16.65 -19.61 -7.94
C VAL D 174 -15.92 -20.59 -8.85
N LYS D 175 -15.74 -21.80 -8.34
CA LYS D 175 -14.96 -22.85 -9.03
C LYS D 175 -15.38 -23.08 -10.50
N PRO D 176 -16.69 -23.19 -10.79
CA PRO D 176 -17.07 -23.38 -12.19
C PRO D 176 -17.03 -22.09 -13.04
N ALA D 177 -16.62 -20.97 -12.44
CA ALA D 177 -16.52 -19.70 -13.15
C ALA D 177 -15.09 -19.12 -13.16
N VAL D 178 -14.11 -19.99 -12.91
CA VAL D 178 -12.70 -19.66 -13.13
C VAL D 178 -12.06 -20.72 -14.04
N ALA D 179 -11.08 -20.32 -14.84
CA ALA D 179 -10.43 -21.23 -15.78
C ALA D 179 -8.98 -20.85 -16.05
N SER D 180 -8.15 -21.88 -16.28
CA SER D 180 -6.77 -21.68 -16.73
C SER D 180 -6.52 -22.48 -18.01
N ILE D 181 -5.44 -22.13 -18.70
CA ILE D 181 -5.02 -22.82 -19.93
C ILE D 181 -4.66 -24.28 -19.64
N TRP D 182 -3.91 -24.50 -18.56
CA TRP D 182 -3.44 -25.82 -18.14
CA TRP D 182 -3.50 -25.83 -18.18
C TRP D 182 -4.20 -26.31 -16.90
N PRO D 183 -4.76 -27.53 -16.93
CA PRO D 183 -5.53 -28.07 -15.80
C PRO D 183 -4.75 -28.24 -14.50
N GLU D 184 -3.45 -28.49 -14.60
CA GLU D 184 -2.59 -28.64 -13.42
C GLU D 184 -2.34 -27.31 -12.72
N ASN D 185 -2.38 -26.21 -13.47
CA ASN D 185 -2.24 -24.87 -12.91
C ASN D 185 -3.53 -24.43 -12.24
N HIS D 186 -4.65 -24.74 -12.89
CA HIS D 186 -5.99 -24.49 -12.36
C HIS D 186 -6.19 -25.25 -11.04
N GLN D 187 -5.67 -26.47 -10.98
CA GLN D 187 -5.71 -27.29 -9.75
C GLN D 187 -4.80 -26.77 -8.64
N PHE D 188 -3.58 -26.32 -8.99
CA PHE D 188 -2.72 -25.71 -7.99
C PHE D 188 -3.41 -24.51 -7.34
N ALA D 189 -3.97 -23.65 -8.18
CA ALA D 189 -4.57 -22.39 -7.73
C ALA D 189 -5.75 -22.64 -6.80
N LEU D 190 -6.63 -23.58 -7.18
CA LEU D 190 -7.78 -23.94 -6.34
C LEU D 190 -7.36 -24.44 -4.97
N GLY D 191 -6.32 -25.28 -4.95
CA GLY D 191 -5.75 -25.79 -3.70
C GLY D 191 -5.16 -24.68 -2.85
N HIS D 192 -4.48 -23.74 -3.52
CA HIS D 192 -3.90 -22.59 -2.84
C HIS D 192 -4.97 -21.74 -2.16
N PHE D 193 -6.06 -21.49 -2.87
CA PHE D 193 -7.18 -20.68 -2.35
C PHE D 193 -7.75 -21.27 -1.06
N LYS D 194 -7.97 -22.59 -1.05
CA LYS D 194 -8.59 -23.27 0.07
C LYS D 194 -7.65 -23.44 1.27
N ASN D 195 -6.46 -23.95 0.99
CA ASN D 195 -5.53 -24.39 2.03
C ASN D 195 -4.60 -23.29 2.57
N THR D 196 -4.33 -22.29 1.75
CA THR D 196 -3.41 -21.22 2.14
C THR D 196 -4.16 -19.90 2.43
N LEU D 197 -5.14 -19.58 1.59
CA LEU D 197 -5.90 -18.33 1.74
C LEU D 197 -7.18 -18.47 2.56
N GLY D 198 -7.58 -19.72 2.82
CA GLY D 198 -8.79 -19.99 3.59
C GLY D 198 -10.08 -19.60 2.87
N ALA D 199 -10.02 -19.60 1.55
CA ALA D 199 -11.18 -19.23 0.73
C ALA D 199 -12.21 -20.34 0.73
N LYS D 200 -13.46 -19.95 0.50
CA LYS D 200 -14.57 -20.88 0.34
C LYS D 200 -14.80 -21.11 -1.15
N LEU D 201 -14.78 -22.36 -1.58
CA LEU D 201 -15.09 -22.68 -2.98
C LEU D 201 -16.60 -22.83 -3.14
N VAL D 202 -17.18 -22.04 -4.03
CA VAL D 202 -18.62 -22.07 -4.28
C VAL D 202 -18.96 -22.41 -5.75
N ASP D 203 -20.17 -22.91 -5.97
CA ASP D 203 -20.65 -23.20 -7.32
C ASP D 203 -21.35 -21.99 -7.93
N GLU D 204 -21.89 -22.16 -9.13
CA GLU D 204 -22.53 -21.07 -9.88
C GLU D 204 -23.83 -20.55 -9.24
N ASN D 205 -24.30 -21.25 -8.22
CA ASN D 205 -25.47 -20.84 -7.44
C ASN D 205 -25.07 -20.15 -6.14
N LEU D 206 -23.76 -19.90 -6.00
CA LEU D 206 -23.14 -19.34 -4.80
C LEU D 206 -23.35 -20.20 -3.56
N ASN D 207 -23.48 -21.51 -3.79
CA ASN D 207 -23.53 -22.50 -2.71
C ASN D 207 -22.18 -23.16 -2.54
N GLU D 208 -21.77 -23.31 -1.28
CA GLU D 208 -20.49 -23.92 -0.93
C GLU D 208 -20.38 -25.35 -1.45
N LEU D 209 -19.19 -25.68 -1.98
CA LEU D 209 -18.89 -27.02 -2.46
C LEU D 209 -18.19 -27.85 -1.40
N PHE D 210 -18.50 -29.14 -1.37
CA PHE D 210 -17.94 -30.06 -0.36
C PHE D 210 -17.34 -31.29 -1.00
ZN ZN E . 2.88 -18.67 9.40
ZN ZN F . 10.86 10.71 14.67
ZN ZN G . -12.22 16.88 -4.92
ZN ZN H . -2.10 -8.45 -19.33
#